data_3H52
#
_entry.id   3H52
#
_cell.length_a   99.530
_cell.length_b   99.530
_cell.length_c   252.430
_cell.angle_alpha   90.00
_cell.angle_beta   90.00
_cell.angle_gamma   120.00
#
_symmetry.space_group_name_H-M   'P 32 2 1'
#
loop_
_entity.id
_entity.type
_entity.pdbx_description
1 polymer 'Glucocorticoid receptor'
2 polymer 'Nuclear receptor corepressor 1'
3 non-polymer '11-(4-DIMETHYLAMINO-PHENYL)-17-HYDROXY-13-METHYL-17-PROP-1-YNYL-1,2,6,7,8,11,12,13,14,15,16,17-DODEC AHYDRO-CYCLOPENTA[A]PHENANTHREN-3-ONE'
4 non-polymer GLYCEROL
5 water water
#
loop_
_entity_poly.entity_id
_entity_poly.type
_entity_poly.pdbx_seq_one_letter_code
_entity_poly.pdbx_strand_id
1 'polypeptide(L)'
;GSHMLTPTLVSLLEVIEPEVLYAGYDSSVPDSTWRIMTTLNMLGGRQVIAAVKWAKAIPGFRNLHLDDQMTLLQYSWMSL
MAFALGWRSYRQSSANLLCFAPDLIINEQRMTLPDMYDQCKHMLYVSSELHRLQVSYEEYLCMKTLLLLSSVPKDGLKSQ
ALFDAIRMTYIKELGKAIVKREGNSSQNSQRFYQLTKLLDSMHEVVENLLNYCFQTFLDKTMSIEFPEMLAEIITNQIPK
YSNGNIKKLLFHQK
;
A,B,C,D
2 'polypeptide(L)' ASNLGLEDIIRKALMGSFD N,M
#
# COMPACT_ATOMS: atom_id res chain seq x y z
N HIS A 3 -26.78 -27.13 26.97
CA HIS A 3 -26.27 -26.32 25.81
C HIS A 3 -25.87 -27.23 24.64
N MET A 4 -26.73 -27.28 23.62
CA MET A 4 -26.47 -27.99 22.35
C MET A 4 -26.10 -29.48 22.55
N LEU A 5 -25.12 -29.95 21.78
CA LEU A 5 -24.43 -31.24 21.99
C LEU A 5 -24.51 -32.16 20.76
N THR A 6 -23.57 -33.11 20.70
CA THR A 6 -23.54 -34.17 19.70
C THR A 6 -22.83 -35.40 20.30
N PRO A 7 -23.28 -36.61 19.95
CA PRO A 7 -22.93 -37.82 20.70
C PRO A 7 -21.44 -38.12 20.75
N THR A 8 -20.87 -38.61 19.64
CA THR A 8 -19.49 -39.10 19.57
C THR A 8 -18.51 -38.00 19.17
N LEU A 9 -17.22 -38.29 19.24
CA LEU A 9 -16.18 -37.40 18.68
C LEU A 9 -16.19 -37.42 17.14
N VAL A 10 -16.54 -38.55 16.56
CA VAL A 10 -16.61 -38.61 15.11
C VAL A 10 -17.76 -37.77 14.62
N SER A 11 -18.87 -37.77 15.35
CA SER A 11 -20.00 -36.95 14.95
C SER A 11 -19.58 -35.47 14.84
N LEU A 12 -18.57 -35.09 15.61
CA LEU A 12 -18.08 -33.73 15.66
C LEU A 12 -17.11 -33.45 14.53
N LEU A 13 -16.26 -34.44 14.24
CA LEU A 13 -15.28 -34.34 13.17
C LEU A 13 -16.06 -34.33 11.88
N GLU A 14 -17.18 -35.04 11.89
CA GLU A 14 -18.11 -35.10 10.78
C GLU A 14 -18.72 -33.72 10.56
N VAL A 15 -19.12 -33.08 11.65
CA VAL A 15 -19.73 -31.75 11.59
C VAL A 15 -18.78 -30.68 11.05
N ILE A 16 -17.57 -30.60 11.60
CA ILE A 16 -16.62 -29.54 11.17
C ILE A 16 -15.97 -29.80 9.80
N GLU A 17 -16.17 -30.98 9.24
CA GLU A 17 -15.67 -31.30 7.92
C GLU A 17 -16.29 -30.35 6.92
N PRO A 18 -15.45 -29.71 6.08
CA PRO A 18 -15.91 -28.59 5.29
C PRO A 18 -16.58 -29.03 4.00
N GLU A 19 -17.39 -28.14 3.44
CA GLU A 19 -18.02 -28.38 2.17
C GLU A 19 -16.99 -28.64 1.05
N VAL A 20 -17.47 -29.20 -0.05
CA VAL A 20 -16.60 -29.51 -1.17
C VAL A 20 -16.31 -28.25 -1.90
N LEU A 21 -15.07 -28.08 -2.36
CA LEU A 21 -14.68 -26.90 -3.11
C LEU A 21 -14.66 -27.26 -4.59
N TYR A 22 -15.20 -26.39 -5.43
CA TYR A 22 -15.13 -26.60 -6.89
C TYR A 22 -13.85 -25.99 -7.44
N ALA A 23 -13.34 -26.55 -8.53
CA ALA A 23 -12.20 -25.97 -9.24
C ALA A 23 -12.60 -24.79 -10.15
N GLY A 24 -13.89 -24.67 -10.43
CA GLY A 24 -14.37 -23.64 -11.37
C GLY A 24 -13.93 -23.94 -12.79
N TYR A 25 -14.25 -25.15 -13.25
CA TYR A 25 -13.76 -25.70 -14.49
C TYR A 25 -14.96 -26.04 -15.36
N ASP A 26 -15.19 -25.23 -16.39
CA ASP A 26 -16.31 -25.42 -17.29
C ASP A 26 -15.83 -26.08 -18.56
N SER A 27 -16.52 -27.13 -18.97
CA SER A 27 -16.20 -27.80 -20.23
C SER A 27 -16.33 -26.86 -21.43
N SER A 28 -17.40 -26.06 -21.46
CA SER A 28 -17.74 -25.25 -22.65
C SER A 28 -16.62 -24.30 -23.08
N VAL A 29 -16.09 -23.54 -22.14
CA VAL A 29 -15.02 -22.59 -22.46
C VAL A 29 -13.79 -23.37 -22.94
N PRO A 30 -13.31 -23.10 -24.17
CA PRO A 30 -12.10 -23.76 -24.67
C PRO A 30 -10.86 -23.41 -23.86
N ASP A 31 -9.86 -24.27 -23.87
CA ASP A 31 -8.60 -24.01 -23.16
C ASP A 31 -8.01 -22.65 -23.52
N SER A 32 -8.04 -22.31 -24.80
CA SER A 32 -7.45 -21.08 -25.30
C SER A 32 -8.21 -19.85 -24.83
N THR A 33 -9.54 -19.90 -24.87
CA THR A 33 -10.35 -18.80 -24.37
C THR A 33 -10.13 -18.58 -22.87
N TRP A 34 -10.05 -19.65 -22.08
CA TRP A 34 -9.82 -19.54 -20.64
C TRP A 34 -8.47 -18.89 -20.35
N ARG A 35 -7.42 -19.38 -21.02
CA ARG A 35 -6.07 -18.85 -20.80
C ARG A 35 -5.98 -17.38 -21.09
N ILE A 36 -6.47 -16.98 -22.25
CA ILE A 36 -6.39 -15.59 -22.65
C ILE A 36 -7.20 -14.73 -21.69
N MET A 37 -8.41 -15.15 -21.37
CA MET A 37 -9.28 -14.32 -20.53
C MET A 37 -8.85 -14.35 -19.07
N THR A 38 -8.22 -15.44 -18.65
CA THR A 38 -7.64 -15.52 -17.33
C THR A 38 -6.44 -14.60 -17.28
N THR A 39 -5.60 -14.67 -18.31
CA THR A 39 -4.35 -13.91 -18.33
C THR A 39 -4.58 -12.43 -18.38
N LEU A 40 -5.63 -12.02 -19.05
CA LEU A 40 -5.96 -10.61 -19.12
C LEU A 40 -6.44 -10.09 -17.78
N ASN A 41 -7.36 -10.85 -17.18
CA ASN A 41 -7.93 -10.50 -15.88
C ASN A 41 -6.84 -10.24 -14.81
N MET A 42 -5.89 -11.14 -14.71
CA MET A 42 -4.82 -10.93 -13.74
C MET A 42 -3.90 -9.78 -14.14
N LEU A 43 -3.58 -9.67 -15.45
CA LEU A 43 -2.89 -8.47 -15.99
C LEU A 43 -3.68 -7.17 -15.76
N GLY A 44 -4.97 -7.20 -16.02
CA GLY A 44 -5.85 -6.08 -15.67
C GLY A 44 -5.67 -5.67 -14.24
N GLY A 45 -5.81 -6.62 -13.32
CA GLY A 45 -5.55 -6.37 -11.88
C GLY A 45 -4.24 -5.65 -11.63
N ARG A 46 -3.17 -6.14 -12.25
CA ARG A 46 -1.87 -5.50 -12.11
C ARG A 46 -1.81 -4.10 -12.71
N GLN A 47 -2.57 -3.88 -13.78
CA GLN A 47 -2.56 -2.58 -14.40
C GLN A 47 -3.28 -1.52 -13.57
N VAL A 48 -4.30 -1.95 -12.82
CA VAL A 48 -5.03 -1.08 -11.89
C VAL A 48 -4.08 -0.65 -10.78
N ILE A 49 -3.36 -1.60 -10.21
CA ILE A 49 -2.40 -1.25 -9.19
C ILE A 49 -1.49 -0.16 -9.74
N ALA A 50 -1.00 -0.37 -10.96
CA ALA A 50 -0.04 0.53 -11.57
C ALA A 50 -0.65 1.88 -11.90
N ALA A 51 -1.88 1.88 -12.41
CA ALA A 51 -2.59 3.13 -12.65
C ALA A 51 -2.69 3.98 -11.35
N VAL A 52 -3.02 3.34 -10.23
CA VAL A 52 -3.12 4.07 -8.96
C VAL A 52 -1.74 4.65 -8.57
N LYS A 53 -0.74 3.79 -8.49
CA LYS A 53 0.62 4.26 -8.19
C LYS A 53 0.95 5.51 -9.04
N TRP A 54 0.72 5.38 -10.35
CA TRP A 54 0.83 6.49 -11.30
C TRP A 54 0.00 7.68 -10.86
N ALA A 55 -1.30 7.49 -10.67
CA ALA A 55 -2.16 8.59 -10.26
C ALA A 55 -1.56 9.29 -9.01
N LYS A 56 -1.04 8.49 -8.09
CA LYS A 56 -0.43 9.05 -6.89
C LYS A 56 0.82 9.87 -7.18
N ALA A 57 1.47 9.60 -8.31
CA ALA A 57 2.61 10.43 -8.77
C ALA A 57 2.22 11.71 -9.51
N ILE A 58 0.95 11.84 -9.96
CA ILE A 58 0.48 12.98 -10.78
C ILE A 58 0.47 14.29 -10.01
N PRO A 59 1.27 15.28 -10.45
CA PRO A 59 1.20 16.58 -9.80
C PRO A 59 -0.21 17.11 -9.75
N GLY A 60 -0.51 17.92 -8.75
CA GLY A 60 -1.85 18.45 -8.57
C GLY A 60 -2.76 17.43 -7.92
N PHE A 61 -3.17 16.43 -8.70
CA PHE A 61 -4.09 15.38 -8.27
C PHE A 61 -3.74 14.85 -6.88
N ARG A 62 -2.48 14.50 -6.73
CA ARG A 62 -1.96 13.97 -5.47
C ARG A 62 -2.14 14.90 -4.28
N ASN A 63 -2.42 16.17 -4.54
CA ASN A 63 -2.73 17.09 -3.47
C ASN A 63 -4.21 17.08 -3.11
N LEU A 64 -5.04 16.59 -4.03
CA LEU A 64 -6.48 16.37 -3.73
C LEU A 64 -6.68 15.44 -2.54
N HIS A 65 -7.68 15.74 -1.73
CA HIS A 65 -8.08 14.87 -0.61
C HIS A 65 -8.19 13.38 -1.03
N LEU A 66 -7.77 12.48 -0.15
CA LEU A 66 -7.62 11.05 -0.53
C LEU A 66 -8.90 10.37 -1.05
N ASP A 67 -10.03 10.64 -0.43
CA ASP A 67 -11.30 10.12 -0.91
C ASP A 67 -11.64 10.66 -2.31
N ASP A 68 -11.07 11.82 -2.68
CA ASP A 68 -11.17 12.30 -4.05
C ASP A 68 -10.28 11.46 -4.96
N GLN A 69 -9.04 11.22 -4.53
CA GLN A 69 -8.14 10.37 -5.31
C GLN A 69 -8.83 9.04 -5.54
N MET A 70 -9.37 8.46 -4.46
CA MET A 70 -10.08 7.19 -4.52
C MET A 70 -11.20 7.27 -5.55
N THR A 71 -12.14 8.18 -5.33
CA THR A 71 -13.27 8.37 -6.22
C THR A 71 -12.85 8.49 -7.69
N LEU A 72 -12.00 9.48 -7.98
CA LEU A 72 -11.50 9.66 -9.33
C LEU A 72 -10.89 8.37 -9.85
N LEU A 73 -10.02 7.74 -9.07
CA LEU A 73 -9.46 6.47 -9.51
C LEU A 73 -10.58 5.47 -9.86
N GLN A 74 -11.63 5.43 -9.04
CA GLN A 74 -12.69 4.44 -9.21
C GLN A 74 -13.53 4.65 -10.45
N TYR A 75 -13.67 5.92 -10.85
CA TYR A 75 -14.46 6.29 -12.03
C TYR A 75 -13.70 6.13 -13.33
N SER A 76 -12.38 6.14 -13.26
CA SER A 76 -11.58 6.39 -14.44
C SER A 76 -10.60 5.29 -14.79
N TRP A 77 -10.49 4.27 -13.94
CA TRP A 77 -9.45 3.26 -14.15
C TRP A 77 -9.61 2.56 -15.48
N MET A 78 -10.84 2.23 -15.85
CA MET A 78 -11.10 1.58 -17.14
C MET A 78 -10.82 2.51 -18.30
N SER A 79 -11.35 3.73 -18.22
CA SER A 79 -11.02 4.77 -19.19
C SER A 79 -9.50 4.88 -19.41
N LEU A 80 -8.76 5.10 -18.33
CA LEU A 80 -7.28 5.11 -18.33
C LEU A 80 -6.69 3.90 -19.04
N MET A 81 -6.94 2.73 -18.48
CA MET A 81 -6.35 1.51 -18.99
C MET A 81 -6.69 1.30 -20.45
N ALA A 82 -7.96 1.51 -20.81
CA ALA A 82 -8.40 1.36 -22.21
C ALA A 82 -7.67 2.30 -23.14
N PHE A 83 -7.45 3.52 -22.66
CA PHE A 83 -6.78 4.57 -23.42
C PHE A 83 -5.30 4.20 -23.61
N ALA A 84 -4.65 3.69 -22.57
CA ALA A 84 -3.26 3.24 -22.71
C ALA A 84 -3.11 2.02 -23.65
N LEU A 85 -4.10 1.12 -23.61
CA LEU A 85 -4.15 -0.02 -24.53
C LEU A 85 -4.28 0.47 -25.97
N GLY A 86 -5.13 1.49 -26.17
CA GLY A 86 -5.22 2.14 -27.46
C GLY A 86 -3.85 2.57 -27.95
N TRP A 87 -3.12 3.26 -27.08
CA TRP A 87 -1.81 3.83 -27.37
C TRP A 87 -0.74 2.76 -27.61
N ARG A 88 -0.52 1.89 -26.63
CA ARG A 88 0.37 0.74 -26.83
C ARG A 88 0.13 0.10 -28.20
N SER A 89 -1.14 -0.11 -28.53
CA SER A 89 -1.52 -0.73 -29.78
C SER A 89 -1.15 0.18 -30.94
N TYR A 90 -1.60 1.43 -30.89
CA TYR A 90 -1.25 2.43 -31.92
C TYR A 90 0.24 2.43 -32.30
N ARG A 91 1.11 2.34 -31.30
CA ARG A 91 2.55 2.40 -31.53
C ARG A 91 3.19 1.06 -31.87
N GLN A 92 2.51 -0.04 -31.59
CA GLN A 92 3.00 -1.39 -31.87
C GLN A 92 2.18 -1.97 -33.01
N SER A 93 2.05 -1.25 -34.12
CA SER A 93 1.05 -1.67 -35.09
C SER A 93 1.43 -1.50 -36.54
N SER A 94 1.21 -0.29 -37.04
CA SER A 94 0.82 -0.09 -38.43
C SER A 94 -0.68 -0.44 -38.58
N ALA A 95 -1.02 -1.73 -38.43
CA ALA A 95 -2.35 -2.23 -38.78
C ALA A 95 -3.03 -3.16 -37.75
N ASN A 96 -3.89 -2.58 -36.92
CA ASN A 96 -5.00 -3.28 -36.25
C ASN A 96 -4.71 -4.53 -35.36
N LEU A 97 -3.77 -4.39 -34.43
CA LEU A 97 -3.60 -5.35 -33.34
C LEU A 97 -4.16 -4.74 -32.06
N LEU A 98 -4.29 -5.56 -31.01
CA LEU A 98 -4.40 -5.03 -29.66
C LEU A 98 -3.18 -5.50 -28.88
N CYS A 99 -2.31 -4.56 -28.52
CA CYS A 99 -1.07 -4.90 -27.86
C CYS A 99 -1.27 -4.89 -26.34
N PHE A 100 -2.10 -5.80 -25.85
CA PHE A 100 -2.37 -5.92 -24.42
C PHE A 100 -1.09 -5.87 -23.58
N ALA A 101 -0.07 -6.57 -24.07
CA ALA A 101 1.27 -6.52 -23.49
C ALA A 101 2.27 -6.76 -24.61
N PRO A 102 3.57 -6.63 -24.31
CA PRO A 102 4.58 -7.06 -25.27
C PRO A 102 4.47 -8.55 -25.61
N ASP A 103 4.26 -9.37 -24.58
CA ASP A 103 4.13 -10.82 -24.76
C ASP A 103 2.70 -11.28 -25.01
N LEU A 104 1.76 -10.36 -25.12
CA LEU A 104 0.39 -10.74 -25.38
C LEU A 104 -0.22 -9.78 -26.37
N ILE A 105 0.09 -9.98 -27.64
CA ILE A 105 -0.48 -9.14 -28.68
C ILE A 105 -1.45 -10.01 -29.45
N ILE A 106 -2.65 -9.50 -29.64
CA ILE A 106 -3.70 -10.22 -30.33
C ILE A 106 -3.91 -9.64 -31.72
N ASN A 107 -3.83 -10.49 -32.74
CA ASN A 107 -3.99 -10.04 -34.13
C ASN A 107 -5.47 -9.82 -34.48
N GLU A 108 -5.70 -9.30 -35.68
CA GLU A 108 -7.05 -9.00 -36.16
C GLU A 108 -7.93 -10.25 -36.26
N GLN A 109 -7.36 -11.35 -36.75
CA GLN A 109 -8.08 -12.62 -36.87
C GLN A 109 -8.55 -13.19 -35.52
N ARG A 110 -7.73 -13.02 -34.48
CA ARG A 110 -8.10 -13.45 -33.14
C ARG A 110 -9.29 -12.65 -32.60
N MET A 111 -9.26 -11.34 -32.82
CA MET A 111 -10.33 -10.45 -32.35
C MET A 111 -11.62 -10.63 -33.12
N THR A 112 -11.56 -11.31 -34.26
CA THR A 112 -12.74 -11.66 -35.05
C THR A 112 -13.67 -12.65 -34.33
N LEU A 113 -13.09 -13.60 -33.60
CA LEU A 113 -13.86 -14.67 -32.96
C LEU A 113 -14.93 -14.12 -32.00
N PRO A 114 -15.99 -14.91 -31.74
CA PRO A 114 -17.10 -14.42 -30.91
C PRO A 114 -16.70 -14.10 -29.46
N ASP A 115 -15.72 -14.82 -28.90
CA ASP A 115 -15.24 -14.50 -27.55
C ASP A 115 -14.62 -13.10 -27.47
N MET A 116 -13.93 -12.68 -28.52
CA MET A 116 -13.23 -11.40 -28.56
C MET A 116 -14.03 -10.26 -29.17
N TYR A 117 -14.86 -10.58 -30.16
CA TYR A 117 -15.38 -9.56 -31.08
C TYR A 117 -16.05 -8.34 -30.44
N ASP A 118 -17.11 -8.56 -29.66
CA ASP A 118 -17.88 -7.44 -29.06
C ASP A 118 -16.98 -6.45 -28.33
N GLN A 119 -15.96 -6.96 -27.63
CA GLN A 119 -15.08 -6.11 -26.81
C GLN A 119 -14.04 -5.37 -27.64
N CYS A 120 -13.33 -6.13 -28.48
CA CYS A 120 -12.20 -5.57 -29.20
C CYS A 120 -12.62 -4.51 -30.21
N LYS A 121 -13.88 -4.56 -30.65
CA LYS A 121 -14.45 -3.45 -31.39
C LYS A 121 -14.15 -2.14 -30.65
N HIS A 122 -14.43 -2.10 -29.36
CA HIS A 122 -14.33 -0.86 -28.58
C HIS A 122 -12.92 -0.50 -28.19
N MET A 123 -12.04 -1.49 -28.08
CA MET A 123 -10.65 -1.19 -27.74
C MET A 123 -9.85 -0.76 -28.97
N LEU A 124 -10.13 -1.40 -30.11
CA LEU A 124 -9.59 -0.95 -31.40
C LEU A 124 -10.02 0.46 -31.73
N TYR A 125 -11.26 0.82 -31.37
CA TYR A 125 -11.77 2.15 -31.66
C TYR A 125 -10.84 3.22 -31.13
N VAL A 126 -10.29 2.97 -29.95
CA VAL A 126 -9.38 3.93 -29.32
C VAL A 126 -8.05 3.88 -30.04
N SER A 127 -7.57 2.68 -30.36
CA SER A 127 -6.29 2.52 -31.09
C SER A 127 -6.28 3.21 -32.46
N SER A 128 -7.35 3.01 -33.22
CA SER A 128 -7.43 3.51 -34.57
C SER A 128 -7.62 5.04 -34.60
N GLU A 129 -8.20 5.60 -33.54
CA GLU A 129 -8.40 7.04 -33.47
C GLU A 129 -7.07 7.77 -33.20
N LEU A 130 -6.29 7.23 -32.27
CA LEU A 130 -4.93 7.69 -32.04
C LEU A 130 -4.13 7.61 -33.34
N HIS A 131 -4.36 6.55 -34.11
CA HIS A 131 -3.73 6.42 -35.42
C HIS A 131 -4.26 7.44 -36.42
N ARG A 132 -5.55 7.78 -36.31
CA ARG A 132 -6.17 8.76 -37.20
C ARG A 132 -5.67 10.19 -36.94
N LEU A 133 -5.56 10.56 -35.67
CA LEU A 133 -5.10 11.89 -35.30
C LEU A 133 -3.58 11.97 -35.11
N GLN A 134 -2.86 10.88 -35.38
CA GLN A 134 -1.41 10.84 -35.20
C GLN A 134 -0.95 11.62 -33.93
N VAL A 135 -1.54 11.22 -32.81
CA VAL A 135 -1.28 11.84 -31.53
C VAL A 135 0.15 11.63 -31.08
N SER A 136 0.82 12.71 -30.66
CA SER A 136 2.15 12.63 -30.06
C SER A 136 2.12 12.12 -28.61
N TYR A 137 3.25 11.60 -28.17
CA TYR A 137 3.40 11.13 -26.80
C TYR A 137 3.02 12.22 -25.79
N GLU A 138 3.57 13.42 -25.95
CA GLU A 138 3.19 14.53 -25.10
C GLU A 138 1.68 14.75 -25.07
N GLU A 139 1.06 14.68 -26.25
CA GLU A 139 -0.38 14.86 -26.38
C GLU A 139 -1.11 13.77 -25.60
N TYR A 140 -0.64 12.55 -25.74
CA TYR A 140 -1.25 11.42 -25.08
C TYR A 140 -1.06 11.51 -23.55
N LEU A 141 0.17 11.81 -23.09
CA LEU A 141 0.44 11.90 -21.66
C LEU A 141 -0.50 12.89 -20.99
N CYS A 142 -0.62 14.08 -21.56
CA CYS A 142 -1.59 15.05 -21.08
C CYS A 142 -3.03 14.52 -21.17
N MET A 143 -3.36 13.91 -22.30
CA MET A 143 -4.71 13.38 -22.50
C MET A 143 -5.04 12.35 -21.43
N LYS A 144 -4.10 11.45 -21.15
CA LYS A 144 -4.34 10.35 -20.24
C LYS A 144 -4.59 10.87 -18.85
N THR A 145 -3.91 11.96 -18.49
CA THR A 145 -4.13 12.63 -17.22
C THR A 145 -5.48 13.27 -17.21
N LEU A 146 -5.81 14.04 -18.23
CA LEU A 146 -7.16 14.59 -18.36
C LEU A 146 -8.24 13.53 -18.15
N LEU A 147 -7.97 12.31 -18.57
CA LEU A 147 -8.93 11.24 -18.44
C LEU A 147 -9.17 10.87 -16.96
N LEU A 148 -8.11 10.91 -16.15
CA LEU A 148 -8.24 10.68 -14.71
C LEU A 148 -9.19 11.68 -14.09
N LEU A 149 -9.12 12.91 -14.58
CA LEU A 149 -9.92 14.02 -14.07
C LEU A 149 -11.16 14.22 -14.94
N SER A 150 -11.61 13.18 -15.64
CA SER A 150 -12.73 13.31 -16.59
C SER A 150 -14.08 12.99 -16.02
N SER A 151 -14.13 12.31 -14.88
CA SER A 151 -15.41 11.91 -14.27
C SER A 151 -15.45 12.34 -12.82
N VAL A 152 -16.50 13.05 -12.44
CA VAL A 152 -16.62 13.61 -11.10
C VAL A 152 -17.98 13.22 -10.51
N PRO A 153 -18.06 13.07 -9.18
CA PRO A 153 -19.35 12.78 -8.55
C PRO A 153 -20.20 14.04 -8.49
N LYS A 154 -21.51 13.91 -8.56
CA LYS A 154 -22.38 15.10 -8.59
C LYS A 154 -22.41 15.83 -7.25
N ASP A 155 -22.22 15.10 -6.15
CA ASP A 155 -22.25 15.69 -4.80
C ASP A 155 -20.95 16.42 -4.43
N GLY A 156 -20.15 16.76 -5.45
CA GLY A 156 -18.89 17.45 -5.24
C GLY A 156 -17.77 16.52 -4.80
N LEU A 157 -16.56 16.88 -5.19
CA LEU A 157 -15.35 16.39 -4.56
C LEU A 157 -15.12 17.21 -3.26
N LYS A 158 -14.35 16.66 -2.33
CA LYS A 158 -13.99 17.39 -1.11
C LYS A 158 -12.96 18.48 -1.36
N SER A 159 -12.24 18.38 -2.46
CA SER A 159 -11.23 19.36 -2.86
C SER A 159 -11.60 19.96 -4.22
N GLN A 160 -12.81 20.50 -4.33
CA GLN A 160 -13.30 20.95 -5.64
C GLN A 160 -12.50 22.09 -6.29
N ALA A 161 -12.07 23.07 -5.51
CA ALA A 161 -11.35 24.22 -6.09
C ALA A 161 -9.99 23.77 -6.60
N LEU A 162 -9.29 22.98 -5.78
CA LEU A 162 -8.05 22.36 -6.21
C LEU A 162 -8.31 21.59 -7.52
N PHE A 163 -9.21 20.63 -7.47
CA PHE A 163 -9.59 19.86 -8.68
C PHE A 163 -9.83 20.71 -9.91
N ASP A 164 -10.62 21.76 -9.77
CA ASP A 164 -10.93 22.63 -10.88
C ASP A 164 -9.66 23.25 -11.48
N ALA A 165 -8.82 23.83 -10.63
CA ALA A 165 -7.57 24.43 -11.08
C ALA A 165 -6.57 23.39 -11.58
N ILE A 166 -6.60 22.20 -10.97
CA ILE A 166 -5.79 21.06 -11.42
C ILE A 166 -6.16 20.74 -12.84
N ARG A 167 -7.47 20.63 -13.07
CA ARG A 167 -8.00 20.24 -14.37
C ARG A 167 -7.65 21.27 -15.41
N MET A 168 -7.86 22.53 -15.07
CA MET A 168 -7.49 23.60 -15.98
C MET A 168 -6.04 23.48 -16.41
N THR A 169 -5.15 23.33 -15.44
CA THR A 169 -3.70 23.27 -15.71
C THR A 169 -3.38 22.26 -16.78
N TYR A 170 -3.89 21.04 -16.59
CA TYR A 170 -3.67 19.96 -17.52
C TYR A 170 -4.35 20.20 -18.89
N ILE A 171 -5.49 20.88 -18.92
CA ILE A 171 -6.06 21.36 -20.19
C ILE A 171 -5.11 22.35 -20.90
N LYS A 172 -4.51 23.28 -20.14
CA LYS A 172 -3.50 24.19 -20.68
C LYS A 172 -2.25 23.42 -21.09
N GLU A 173 -1.94 22.37 -20.35
CA GLU A 173 -0.80 21.54 -20.69
C GLU A 173 -1.00 20.82 -22.01
N LEU A 174 -2.24 20.40 -22.28
CA LEU A 174 -2.60 19.81 -23.58
C LEU A 174 -2.40 20.81 -24.73
N GLY A 175 -2.75 22.08 -24.49
CA GLY A 175 -2.52 23.12 -25.49
C GLY A 175 -1.05 23.24 -25.84
N LYS A 176 -0.21 23.17 -24.80
CA LYS A 176 1.25 23.22 -24.94
C LYS A 176 1.75 21.99 -25.69
N ALA A 177 1.09 20.87 -25.51
CA ALA A 177 1.45 19.65 -26.20
C ALA A 177 1.17 19.79 -27.69
N ILE A 178 0.02 20.36 -28.04
CA ILE A 178 -0.38 20.51 -29.43
C ILE A 178 0.55 21.54 -30.08
N VAL A 179 0.90 22.58 -29.32
CA VAL A 179 1.83 23.59 -29.79
C VAL A 179 3.22 23.03 -29.97
N LYS A 180 3.59 22.01 -29.23
CA LYS A 180 4.88 21.40 -29.47
C LYS A 180 4.91 20.74 -30.83
N ARG A 181 3.78 20.14 -31.22
CA ARG A 181 3.64 19.37 -32.45
C ARG A 181 3.29 20.23 -33.67
N GLU A 182 2.17 20.95 -33.60
CA GLU A 182 1.86 22.08 -34.49
C GLU A 182 2.82 23.19 -34.09
N GLY A 183 2.57 24.41 -34.56
CA GLY A 183 3.27 25.57 -34.01
C GLY A 183 2.35 26.33 -33.09
N ASN A 184 2.62 27.63 -32.92
CA ASN A 184 1.68 28.54 -32.29
C ASN A 184 1.38 29.72 -33.18
N SER A 185 1.64 29.55 -34.48
CA SER A 185 1.32 30.55 -35.49
C SER A 185 -0.09 30.33 -36.00
N SER A 186 -0.99 29.87 -35.12
CA SER A 186 -2.20 29.19 -35.56
C SER A 186 -3.35 29.21 -34.53
N GLN A 187 -3.04 28.88 -33.28
CA GLN A 187 -4.04 28.75 -32.19
C GLN A 187 -4.61 27.33 -32.09
N ASN A 188 -4.32 26.49 -33.09
CA ASN A 188 -4.53 25.05 -32.99
C ASN A 188 -5.89 24.64 -32.44
N SER A 189 -6.92 25.36 -32.87
CA SER A 189 -8.26 25.18 -32.39
C SER A 189 -8.88 23.83 -32.84
N GLN A 190 -8.59 23.43 -34.08
CA GLN A 190 -9.18 22.19 -34.60
C GLN A 190 -8.51 20.97 -34.01
N ARG A 191 -7.20 21.00 -33.83
CA ARG A 191 -6.54 19.87 -33.20
C ARG A 191 -6.99 19.75 -31.74
N PHE A 192 -7.27 20.87 -31.10
CA PHE A 192 -7.80 20.84 -29.74
C PHE A 192 -9.22 20.25 -29.70
N TYR A 193 -10.03 20.60 -30.70
CA TYR A 193 -11.38 20.05 -30.78
C TYR A 193 -11.30 18.56 -31.09
N GLN A 194 -10.44 18.17 -32.02
CA GLN A 194 -10.32 16.77 -32.39
C GLN A 194 -9.82 15.90 -31.25
N LEU A 195 -8.81 16.38 -30.52
CA LEU A 195 -8.20 15.62 -29.43
C LEU A 195 -9.13 15.53 -28.22
N THR A 196 -9.70 16.66 -27.82
CA THR A 196 -10.68 16.67 -26.75
C THR A 196 -11.84 15.75 -27.10
N LYS A 197 -12.31 15.80 -28.35
CA LYS A 197 -13.43 14.96 -28.75
C LYS A 197 -13.15 13.47 -28.56
N LEU A 198 -11.90 13.04 -28.77
CA LEU A 198 -11.54 11.66 -28.56
C LEU A 198 -11.73 11.33 -27.08
N LEU A 199 -11.26 12.21 -26.22
CA LEU A 199 -11.46 12.04 -24.78
C LEU A 199 -12.95 11.87 -24.48
N ASP A 200 -13.77 12.83 -24.93
CA ASP A 200 -15.23 12.77 -24.76
C ASP A 200 -15.81 11.42 -25.14
N SER A 201 -15.18 10.77 -26.12
CA SER A 201 -15.70 9.52 -26.65
C SER A 201 -15.29 8.33 -25.79
N MET A 202 -14.23 8.49 -25.00
CA MET A 202 -13.81 7.43 -24.09
C MET A 202 -14.89 7.08 -23.06
N HIS A 203 -15.70 8.06 -22.69
CA HIS A 203 -16.91 7.78 -21.93
C HIS A 203 -17.72 6.66 -22.63
N GLU A 204 -17.91 6.77 -23.94
CA GLU A 204 -18.64 5.76 -24.71
C GLU A 204 -17.90 4.42 -24.78
N VAL A 205 -16.60 4.44 -25.04
CA VAL A 205 -15.85 3.19 -25.10
C VAL A 205 -15.87 2.49 -23.73
N VAL A 206 -15.92 3.28 -22.65
CA VAL A 206 -16.01 2.69 -21.32
C VAL A 206 -17.42 2.17 -21.03
N GLU A 207 -18.43 2.97 -21.36
CA GLU A 207 -19.84 2.56 -21.17
C GLU A 207 -20.19 1.31 -22.00
N ASN A 208 -19.67 1.23 -23.22
CA ASN A 208 -19.84 0.03 -24.05
C ASN A 208 -19.12 -1.18 -23.48
N LEU A 209 -17.94 -0.96 -22.91
CA LEU A 209 -17.16 -2.04 -22.29
C LEU A 209 -17.84 -2.54 -21.02
N LEU A 210 -18.38 -1.63 -20.22
CA LEU A 210 -19.08 -2.01 -19.00
C LEU A 210 -20.42 -2.68 -19.32
N ASN A 211 -21.14 -2.15 -20.32
CA ASN A 211 -22.38 -2.79 -20.80
C ASN A 211 -22.14 -4.20 -21.33
N TYR A 212 -20.99 -4.41 -21.98
CA TYR A 212 -20.58 -5.75 -22.41
C TYR A 212 -20.43 -6.66 -21.19
N CYS A 213 -19.74 -6.16 -20.17
CA CYS A 213 -19.46 -6.94 -18.96
C CYS A 213 -20.73 -7.34 -18.21
N PHE A 214 -21.76 -6.49 -18.23
CA PHE A 214 -23.05 -6.81 -17.63
C PHE A 214 -23.81 -7.83 -18.51
N GLN A 215 -23.76 -7.65 -19.83
CA GLN A 215 -24.46 -8.55 -20.77
C GLN A 215 -23.75 -9.91 -20.92
N THR A 216 -22.49 -9.99 -20.47
CA THR A 216 -21.74 -11.26 -20.42
C THR A 216 -21.79 -11.92 -19.04
N PHE A 217 -21.88 -11.10 -17.99
CA PHE A 217 -22.04 -11.59 -16.61
C PHE A 217 -23.37 -12.33 -16.47
N LEU A 218 -24.43 -11.78 -17.06
CA LEU A 218 -25.76 -12.39 -17.04
C LEU A 218 -25.80 -13.70 -17.84
N ASP A 219 -24.98 -13.79 -18.89
CA ASP A 219 -24.92 -14.99 -19.73
C ASP A 219 -24.42 -16.23 -18.96
N LYS A 220 -23.73 -15.99 -17.84
CA LYS A 220 -23.22 -17.06 -16.98
C LYS A 220 -24.29 -17.63 -16.02
N THR A 221 -25.34 -18.20 -16.58
CA THR A 221 -26.34 -18.93 -15.80
C THR A 221 -25.73 -20.27 -15.43
N MET A 222 -25.82 -20.63 -14.15
CA MET A 222 -25.32 -21.91 -13.61
C MET A 222 -23.81 -22.00 -13.48
N SER A 223 -23.10 -21.02 -14.03
CA SER A 223 -21.65 -21.04 -14.15
C SER A 223 -21.01 -21.69 -12.93
N ILE A 224 -20.39 -22.85 -13.18
CA ILE A 224 -19.65 -23.55 -12.16
C ILE A 224 -18.41 -22.74 -11.79
N GLU A 225 -17.86 -22.03 -12.78
CA GLU A 225 -16.79 -21.05 -12.56
C GLU A 225 -17.40 -19.66 -12.54
N PHE A 226 -17.79 -19.20 -11.35
CA PHE A 226 -18.47 -17.90 -11.20
C PHE A 226 -17.54 -16.74 -11.58
N PRO A 227 -18.07 -15.78 -12.36
CA PRO A 227 -17.27 -14.63 -12.79
C PRO A 227 -17.29 -13.47 -11.79
N GLU A 228 -16.52 -13.60 -10.70
CA GLU A 228 -16.37 -12.48 -9.76
C GLU A 228 -15.49 -11.37 -10.34
N MET A 229 -14.61 -11.72 -11.28
CA MET A 229 -13.82 -10.72 -12.01
C MET A 229 -14.74 -9.80 -12.79
N LEU A 230 -15.67 -10.37 -13.57
CA LEU A 230 -16.67 -9.58 -14.31
C LEU A 230 -17.79 -9.04 -13.41
N ALA A 231 -17.83 -9.49 -12.16
CA ALA A 231 -18.81 -9.05 -11.17
C ALA A 231 -18.25 -7.95 -10.27
N GLU A 232 -16.98 -8.08 -9.88
CA GLU A 232 -16.27 -7.02 -9.17
C GLU A 232 -16.17 -5.76 -10.02
N ILE A 233 -16.01 -5.94 -11.33
CA ILE A 233 -16.02 -4.82 -12.28
C ILE A 233 -17.36 -4.05 -12.23
N ILE A 234 -18.43 -4.70 -11.75
CA ILE A 234 -19.74 -4.05 -11.57
C ILE A 234 -19.91 -3.40 -10.19
N THR A 235 -19.06 -3.79 -9.23
CA THR A 235 -19.03 -3.14 -7.90
C THR A 235 -18.48 -1.72 -8.01
N ASN A 236 -17.22 -1.61 -8.42
CA ASN A 236 -16.55 -0.30 -8.51
C ASN A 236 -17.04 0.57 -9.68
N GLN A 237 -17.88 0.00 -10.56
CA GLN A 237 -18.53 0.76 -11.64
C GLN A 237 -20.04 0.45 -11.68
N ILE A 238 -20.86 1.35 -11.13
CA ILE A 238 -22.31 1.16 -11.14
C ILE A 238 -23.08 2.36 -10.55
N PRO A 239 -23.09 3.51 -11.27
CA PRO A 239 -23.83 4.69 -10.84
C PRO A 239 -25.27 4.72 -11.37
N GLY A 244 -27.51 7.83 -9.61
CA GLY A 244 -26.11 7.76 -10.01
C GLY A 244 -25.34 9.03 -9.72
N ASN A 245 -24.18 8.88 -9.06
CA ASN A 245 -23.33 10.01 -8.72
C ASN A 245 -22.43 10.45 -9.89
N ILE A 246 -21.91 9.49 -10.65
CA ILE A 246 -20.92 9.78 -11.71
C ILE A 246 -21.43 10.81 -12.72
N LYS A 247 -20.75 11.96 -12.77
CA LYS A 247 -21.00 13.01 -13.77
C LYS A 247 -19.83 13.08 -14.75
N LYS A 248 -20.09 12.73 -16.00
CA LYS A 248 -19.08 12.77 -17.07
C LYS A 248 -18.84 14.22 -17.49
N LEU A 249 -17.58 14.66 -17.44
CA LEU A 249 -17.23 16.02 -17.89
C LEU A 249 -16.95 15.96 -19.39
N LEU A 250 -17.75 16.69 -20.17
CA LEU A 250 -17.60 16.70 -21.61
C LEU A 250 -17.00 18.02 -22.08
N PHE A 251 -16.01 17.93 -22.95
CA PHE A 251 -15.44 19.08 -23.64
C PHE A 251 -16.38 19.60 -24.72
N HIS A 252 -17.16 18.70 -25.29
CA HIS A 252 -18.21 19.05 -26.25
C HIS A 252 -19.51 18.35 -25.87
N GLN A 253 -20.54 19.14 -25.60
CA GLN A 253 -21.88 18.62 -25.36
C GLN A 253 -22.53 18.16 -26.69
N LEU B 5 -4.69 -16.41 -7.90
CA LEU B 5 -3.39 -15.68 -7.84
C LEU B 5 -3.39 -14.52 -8.84
N THR B 6 -3.24 -13.29 -8.36
CA THR B 6 -2.95 -12.14 -9.24
C THR B 6 -1.52 -12.23 -9.85
N PRO B 7 -0.50 -12.55 -9.04
CA PRO B 7 0.86 -12.47 -9.59
C PRO B 7 1.56 -13.82 -9.95
N THR B 8 2.49 -13.74 -10.91
CA THR B 8 3.66 -14.62 -11.01
C THR B 8 4.77 -13.95 -10.17
N LEU B 9 5.75 -14.71 -9.67
CA LEU B 9 6.77 -14.15 -8.75
C LEU B 9 7.27 -12.72 -9.08
N VAL B 10 7.69 -12.50 -10.32
CA VAL B 10 8.16 -11.17 -10.73
C VAL B 10 7.04 -10.16 -10.61
N SER B 11 5.80 -10.58 -10.89
CA SER B 11 4.64 -9.71 -10.79
C SER B 11 4.52 -9.04 -9.42
N LEU B 12 4.92 -9.75 -8.37
CA LEU B 12 4.91 -9.18 -7.01
C LEU B 12 6.04 -8.16 -6.86
N LEU B 13 7.23 -8.51 -7.32
CA LEU B 13 8.34 -7.56 -7.33
C LEU B 13 7.92 -6.21 -7.95
N GLU B 14 7.04 -6.30 -8.95
CA GLU B 14 6.52 -5.13 -9.67
C GLU B 14 5.46 -4.41 -8.82
N VAL B 15 4.59 -5.20 -8.17
CA VAL B 15 3.53 -4.65 -7.31
C VAL B 15 4.09 -3.97 -6.05
N ILE B 16 5.20 -4.47 -5.51
CA ILE B 16 5.80 -3.88 -4.29
C ILE B 16 6.94 -2.86 -4.54
N GLU B 17 7.34 -2.65 -5.78
CA GLU B 17 8.39 -1.70 -6.10
C GLU B 17 7.95 -0.32 -5.65
N PRO B 18 8.77 0.38 -4.84
CA PRO B 18 8.34 1.68 -4.31
C PRO B 18 7.87 2.66 -5.39
N GLU B 19 6.89 3.47 -5.06
CA GLU B 19 6.35 4.42 -5.98
C GLU B 19 7.28 5.60 -6.11
N VAL B 20 7.01 6.45 -7.08
CA VAL B 20 7.78 7.67 -7.30
C VAL B 20 7.86 8.53 -6.04
N LEU B 21 9.07 8.94 -5.67
CA LEU B 21 9.33 9.81 -4.52
C LEU B 21 9.93 11.14 -4.98
N TYR B 22 9.24 12.23 -4.64
CA TYR B 22 9.65 13.56 -5.06
C TYR B 22 10.53 14.21 -4.02
N ALA B 23 11.43 15.07 -4.47
CA ALA B 23 12.29 15.84 -3.58
C ALA B 23 11.52 16.99 -2.95
N GLY B 24 10.48 17.48 -3.60
CA GLY B 24 9.80 18.67 -3.10
C GLY B 24 10.56 19.98 -3.32
N TYR B 25 11.66 19.95 -4.06
CA TYR B 25 12.40 21.17 -4.34
C TYR B 25 11.57 22.02 -5.29
N ASP B 26 11.38 23.28 -4.91
CA ASP B 26 10.79 24.28 -5.77
C ASP B 26 11.65 25.51 -5.64
N SER B 27 12.58 25.66 -6.57
CA SER B 27 13.57 26.75 -6.59
C SER B 27 12.98 28.16 -6.68
N SER B 28 11.72 28.28 -7.10
CA SER B 28 11.04 29.59 -7.13
C SER B 28 10.66 30.09 -5.74
N VAL B 29 11.15 29.42 -4.71
CA VAL B 29 10.85 29.77 -3.33
C VAL B 29 12.15 30.12 -2.60
N PRO B 30 12.25 31.35 -2.09
CA PRO B 30 13.40 31.71 -1.28
C PRO B 30 13.64 30.69 -0.16
N ASP B 31 14.91 30.47 0.18
CA ASP B 31 15.27 29.53 1.26
C ASP B 31 14.76 29.98 2.63
N SER B 32 14.85 31.28 2.85
CA SER B 32 14.30 31.93 4.03
C SER B 32 12.85 31.52 4.21
N THR B 33 12.05 31.74 3.17
CA THR B 33 10.63 31.42 3.18
C THR B 33 10.38 29.94 3.41
N TRP B 34 11.15 29.10 2.71
CA TRP B 34 10.99 27.66 2.76
C TRP B 34 11.14 27.13 4.17
N ARG B 35 12.23 27.54 4.84
CA ARG B 35 12.55 27.10 6.21
C ARG B 35 11.48 27.45 7.20
N ILE B 36 11.15 28.74 7.24
CA ILE B 36 10.20 29.22 8.19
C ILE B 36 8.89 28.51 7.96
N MET B 37 8.45 28.43 6.71
CA MET B 37 7.19 27.76 6.43
C MET B 37 7.26 26.25 6.72
N THR B 38 8.32 25.59 6.26
CA THR B 38 8.54 24.18 6.59
C THR B 38 8.58 23.93 8.11
N THR B 39 9.17 24.87 8.86
CA THR B 39 9.32 24.74 10.30
C THR B 39 7.97 24.96 10.98
N LEU B 40 7.33 26.06 10.66
CA LEU B 40 6.03 26.32 11.22
C LEU B 40 5.07 25.23 10.80
N ASN B 41 5.33 24.61 9.66
CA ASN B 41 4.45 23.54 9.27
C ASN B 41 4.51 22.39 10.25
N MET B 42 5.72 21.92 10.58
CA MET B 42 5.81 20.81 11.48
C MET B 42 5.53 21.26 12.92
N LEU B 43 6.01 22.43 13.31
CA LEU B 43 5.67 22.99 14.62
C LEU B 43 4.13 23.09 14.80
N GLY B 44 3.46 23.51 13.73
CA GLY B 44 2.00 23.64 13.71
C GLY B 44 1.26 22.34 13.96
N GLY B 45 1.65 21.28 13.25
CA GLY B 45 1.00 20.00 13.40
C GLY B 45 1.15 19.52 14.82
N ARG B 46 2.38 19.67 15.32
CA ARG B 46 2.72 19.24 16.66
C ARG B 46 1.92 20.03 17.71
N GLN B 47 1.78 21.34 17.51
CA GLN B 47 1.01 22.16 18.43
C GLN B 47 -0.44 21.70 18.47
N VAL B 48 -1.04 21.52 17.30
CA VAL B 48 -2.40 20.97 17.18
C VAL B 48 -2.57 19.72 18.07
N ILE B 49 -1.67 18.75 17.93
CA ILE B 49 -1.76 17.52 18.74
C ILE B 49 -1.70 17.86 20.23
N ALA B 50 -0.68 18.64 20.63
CA ALA B 50 -0.58 19.17 21.99
C ALA B 50 -1.88 19.85 22.42
N ALA B 51 -2.51 20.58 21.51
CA ALA B 51 -3.77 21.25 21.81
C ALA B 51 -4.86 20.26 22.14
N VAL B 52 -4.92 19.16 21.39
CA VAL B 52 -6.00 18.17 21.55
C VAL B 52 -5.89 17.45 22.89
N LYS B 53 -4.66 17.10 23.27
CA LYS B 53 -4.39 16.45 24.56
C LYS B 53 -4.75 17.34 25.72
N TRP B 54 -4.28 18.58 25.66
CA TRP B 54 -4.66 19.59 26.63
C TRP B 54 -6.15 19.55 26.85
N ALA B 55 -6.91 19.70 25.75
CA ALA B 55 -8.37 19.72 25.77
C ALA B 55 -8.96 18.48 26.45
N LYS B 56 -8.32 17.34 26.25
CA LYS B 56 -8.76 16.12 26.91
C LYS B 56 -8.56 16.18 28.43
N ALA B 57 -7.69 17.06 28.91
CA ALA B 57 -7.47 17.22 30.36
C ALA B 57 -8.29 18.35 31.01
N ILE B 58 -9.00 19.16 30.22
CA ILE B 58 -9.79 20.26 30.80
C ILE B 58 -11.02 19.71 31.50
N PRO B 59 -11.16 19.96 32.82
CA PRO B 59 -12.34 19.47 33.53
C PRO B 59 -13.65 19.90 32.86
N GLY B 60 -14.62 19.00 32.78
CA GLY B 60 -15.89 19.29 32.14
C GLY B 60 -15.88 18.88 30.68
N PHE B 61 -15.00 19.51 29.90
CA PHE B 61 -14.84 19.21 28.46
C PHE B 61 -14.65 17.72 28.18
N ARG B 62 -13.78 17.07 28.97
CA ARG B 62 -13.57 15.63 28.87
C ARG B 62 -14.84 14.78 29.04
N ASN B 63 -15.81 15.29 29.80
CA ASN B 63 -17.11 14.62 30.02
C ASN B 63 -18.09 14.73 28.84
N LEU B 64 -17.86 15.65 27.91
CA LEU B 64 -18.70 15.76 26.73
C LEU B 64 -18.52 14.50 25.90
N HIS B 65 -19.50 14.20 25.05
CA HIS B 65 -19.40 13.06 24.17
C HIS B 65 -18.20 13.24 23.25
N LEU B 66 -17.51 12.13 22.97
CA LEU B 66 -16.28 12.17 22.18
C LEU B 66 -16.44 13.04 20.93
N ASP B 67 -17.37 12.68 20.06
CA ASP B 67 -17.66 13.45 18.85
C ASP B 67 -17.95 14.93 19.13
N ASP B 68 -18.51 15.25 20.31
CA ASP B 68 -18.65 16.65 20.71
C ASP B 68 -17.30 17.30 21.00
N GLN B 69 -16.39 16.56 21.63
CA GLN B 69 -15.02 17.06 21.86
C GLN B 69 -14.33 17.30 20.53
N MET B 70 -14.40 16.31 19.64
CA MET B 70 -13.84 16.41 18.30
C MET B 70 -14.32 17.66 17.56
N THR B 71 -15.61 17.99 17.67
CA THR B 71 -16.16 19.15 16.98
C THR B 71 -15.64 20.49 17.52
N LEU B 72 -15.69 20.64 18.85
CA LEU B 72 -15.14 21.85 19.47
C LEU B 72 -13.66 22.06 19.14
N LEU B 73 -12.91 20.95 19.03
CA LEU B 73 -11.52 21.00 18.60
C LEU B 73 -11.36 21.42 17.14
N GLN B 74 -12.27 20.93 16.30
CA GLN B 74 -12.25 21.30 14.89
C GLN B 74 -12.52 22.80 14.70
N TYR B 75 -13.39 23.37 15.53
CA TYR B 75 -13.68 24.81 15.47
C TYR B 75 -12.63 25.71 16.12
N SER B 76 -11.99 25.25 17.19
CA SER B 76 -11.19 26.14 18.05
C SER B 76 -9.68 26.08 17.83
N TRP B 77 -9.17 24.99 17.27
CA TRP B 77 -7.72 24.78 17.26
C TRP B 77 -6.91 25.99 16.78
N MET B 78 -7.30 26.61 15.67
CA MET B 78 -6.56 27.78 15.20
C MET B 78 -6.58 28.86 16.29
N SER B 79 -7.76 29.05 16.88
CA SER B 79 -7.94 29.99 17.99
C SER B 79 -6.95 29.68 19.12
N LEU B 80 -6.81 28.41 19.44
CA LEU B 80 -5.95 27.97 20.54
C LEU B 80 -4.48 28.28 20.28
N MET B 81 -4.01 27.96 19.09
CA MET B 81 -2.62 28.26 18.72
C MET B 81 -2.30 29.76 18.63
N ALA B 82 -3.18 30.55 18.05
CA ALA B 82 -2.98 31.98 17.96
C ALA B 82 -2.86 32.61 19.36
N PHE B 83 -3.78 32.23 20.25
CA PHE B 83 -3.78 32.75 21.62
C PHE B 83 -2.53 32.35 22.37
N ALA B 84 -2.17 31.07 22.30
CA ALA B 84 -0.93 30.59 22.92
C ALA B 84 0.28 31.33 22.36
N LEU B 85 0.33 31.45 21.03
CA LEU B 85 1.37 32.22 20.35
C LEU B 85 1.32 33.66 20.82
N GLY B 86 0.12 34.22 20.88
CA GLY B 86 -0.06 35.55 21.41
C GLY B 86 0.57 35.69 22.78
N TRP B 87 0.22 34.78 23.68
CA TRP B 87 0.74 34.83 25.04
C TRP B 87 2.25 34.72 25.06
N ARG B 88 2.79 33.67 24.45
CA ARG B 88 4.22 33.46 24.39
C ARG B 88 4.97 34.68 23.84
N SER B 89 4.46 35.29 22.79
CA SER B 89 5.08 36.49 22.22
C SER B 89 5.01 37.72 23.13
N TYR B 90 3.97 37.76 23.95
CA TYR B 90 3.74 38.87 24.87
C TYR B 90 4.71 38.78 26.03
N ARG B 91 4.95 37.57 26.51
CA ARG B 91 5.82 37.35 27.64
C ARG B 91 7.31 37.39 27.24
N GLN B 92 7.62 37.32 25.94
CA GLN B 92 9.03 37.29 25.53
C GLN B 92 9.67 38.67 25.47
N SER B 93 8.97 39.69 24.97
CA SER B 93 9.59 41.02 24.86
C SER B 93 8.77 42.23 25.17
N SER B 94 7.45 42.18 25.01
CA SER B 94 6.67 43.42 25.10
C SER B 94 7.09 44.36 23.97
N ALA B 95 7.82 43.81 23.00
CA ALA B 95 7.98 44.39 21.69
C ALA B 95 7.20 43.44 20.79
N ASN B 96 7.21 43.72 19.50
CA ASN B 96 6.40 42.99 18.53
C ASN B 96 7.22 41.99 17.72
N LEU B 97 7.56 40.88 18.38
CA LEU B 97 8.12 39.74 17.73
C LEU B 97 7.14 38.61 18.00
N LEU B 98 7.22 37.57 17.19
CA LEU B 98 6.41 36.39 17.40
C LEU B 98 7.27 35.29 17.99
N CYS B 99 6.75 34.68 19.05
CA CYS B 99 7.42 33.60 19.72
C CYS B 99 6.64 32.33 19.43
N PHE B 100 6.90 31.78 18.25
CA PHE B 100 6.30 30.52 17.83
C PHE B 100 6.83 29.41 18.72
N ALA B 101 8.14 29.42 18.92
CA ALA B 101 8.84 28.56 19.89
C ALA B 101 10.10 29.27 20.43
N PRO B 102 10.69 28.75 21.52
CA PRO B 102 11.82 29.49 22.10
C PRO B 102 13.01 29.54 21.17
N ASP B 103 13.13 28.53 20.31
CA ASP B 103 14.22 28.48 19.35
C ASP B 103 13.79 28.99 17.98
N LEU B 104 12.61 29.62 17.92
CA LEU B 104 12.14 30.29 16.70
C LEU B 104 11.37 31.58 17.05
N ILE B 105 12.11 32.65 17.31
CA ILE B 105 11.55 34.00 17.49
C ILE B 105 11.87 34.91 16.28
N ILE B 106 10.83 35.53 15.73
CA ILE B 106 10.93 36.25 14.46
C ILE B 106 10.79 37.75 14.69
N ASN B 107 11.80 38.51 14.28
CA ASN B 107 11.85 39.93 14.66
C ASN B 107 10.91 40.79 13.85
N GLU B 108 10.68 42.02 14.33
CA GLU B 108 9.65 42.89 13.77
C GLU B 108 9.90 43.19 12.30
N GLN B 109 11.17 43.27 11.90
CA GLN B 109 11.54 43.56 10.49
C GLN B 109 11.31 42.37 9.59
N ARG B 110 11.68 41.18 10.05
CA ARG B 110 11.48 39.97 9.25
C ARG B 110 9.99 39.76 8.94
N MET B 111 9.15 40.07 9.89
CA MET B 111 7.72 39.93 9.70
C MET B 111 7.08 40.98 8.80
N THR B 112 7.82 42.04 8.48
CA THR B 112 7.36 43.06 7.53
C THR B 112 7.56 42.60 6.09
N LEU B 113 8.43 41.61 5.87
CA LEU B 113 8.68 41.13 4.52
C LEU B 113 7.42 40.53 3.91
N PRO B 114 7.22 40.72 2.58
CA PRO B 114 5.99 40.33 1.88
C PRO B 114 5.50 38.89 2.06
N ASP B 115 6.39 37.96 2.39
CA ASP B 115 5.97 36.59 2.62
C ASP B 115 5.45 36.34 4.05
N MET B 116 5.34 37.38 4.88
CA MET B 116 4.90 37.21 6.26
C MET B 116 3.84 38.21 6.70
N TYR B 117 3.97 39.47 6.25
CA TYR B 117 3.12 40.56 6.75
C TYR B 117 1.66 40.15 6.95
N ASP B 118 0.97 39.76 5.87
CA ASP B 118 -0.48 39.50 5.93
C ASP B 118 -0.90 38.37 6.88
N GLN B 119 -0.03 37.41 7.09
CA GLN B 119 -0.29 36.33 8.04
C GLN B 119 -0.04 36.87 9.45
N CYS B 120 1.16 37.40 9.66
CA CYS B 120 1.63 37.77 10.99
C CYS B 120 1.00 39.06 11.49
N LYS B 121 0.47 39.83 10.57
CA LYS B 121 -0.32 41.01 10.93
C LYS B 121 -1.27 40.62 12.04
N HIS B 122 -2.01 39.54 11.80
CA HIS B 122 -3.09 39.11 12.66
C HIS B 122 -2.63 38.44 13.93
N MET B 123 -1.44 37.85 13.88
CA MET B 123 -0.87 37.15 15.02
C MET B 123 -0.26 38.17 15.98
N LEU B 124 0.45 39.14 15.43
CA LEU B 124 0.94 40.26 16.23
C LEU B 124 -0.22 40.91 16.96
N TYR B 125 -1.34 41.08 16.27
CA TYR B 125 -2.53 41.63 16.89
C TYR B 125 -2.78 41.05 18.28
N VAL B 126 -2.91 39.73 18.35
CA VAL B 126 -3.21 39.04 19.59
C VAL B 126 -2.08 39.26 20.59
N SER B 127 -0.83 39.20 20.15
CA SER B 127 0.27 39.52 21.04
C SER B 127 0.07 40.94 21.57
N SER B 128 0.02 41.91 20.67
CA SER B 128 -0.20 43.32 21.04
C SER B 128 -1.34 43.49 22.03
N GLU B 129 -2.43 42.78 21.79
CA GLU B 129 -3.64 42.92 22.58
C GLU B 129 -3.42 42.45 24.01
N LEU B 130 -2.74 41.32 24.16
CA LEU B 130 -2.42 40.77 25.48
C LEU B 130 -1.49 41.70 26.26
N HIS B 131 -0.64 42.43 25.55
CA HIS B 131 0.26 43.38 26.17
C HIS B 131 -0.45 44.67 26.57
N ARG B 132 -1.39 45.10 25.74
CA ARG B 132 -2.15 46.32 25.98
C ARG B 132 -2.93 46.18 27.29
N LEU B 133 -3.51 44.99 27.49
CA LEU B 133 -4.34 44.72 28.66
C LEU B 133 -3.55 44.15 29.84
N GLN B 134 -2.28 43.81 29.63
CA GLN B 134 -1.41 43.23 30.67
C GLN B 134 -2.07 42.04 31.38
N VAL B 135 -2.46 41.05 30.58
CA VAL B 135 -3.24 39.90 31.05
C VAL B 135 -2.42 39.03 31.98
N SER B 136 -3.01 38.63 33.10
CA SER B 136 -2.34 37.75 34.05
C SER B 136 -2.44 36.32 33.57
N TYR B 137 -1.54 35.47 34.07
CA TYR B 137 -1.49 34.08 33.63
C TYR B 137 -2.81 33.37 33.92
N GLU B 138 -3.35 33.57 35.12
CA GLU B 138 -4.61 32.91 35.52
C GLU B 138 -5.76 33.39 34.67
N GLU B 139 -5.75 34.65 34.29
CA GLU B 139 -6.72 35.13 33.33
C GLU B 139 -6.53 34.34 32.04
N TYR B 140 -5.38 34.51 31.39
CA TYR B 140 -5.05 33.80 30.16
C TYR B 140 -5.46 32.34 30.14
N LEU B 141 -5.28 31.61 31.25
CA LEU B 141 -5.61 30.18 31.29
C LEU B 141 -7.12 29.97 31.16
N CYS B 142 -7.89 30.83 31.83
CA CYS B 142 -9.35 30.83 31.70
C CYS B 142 -9.78 31.28 30.31
N MET B 143 -9.10 32.27 29.75
CA MET B 143 -9.42 32.78 28.42
C MET B 143 -9.19 31.69 27.38
N LYS B 144 -8.03 31.06 27.44
CA LYS B 144 -7.72 29.93 26.57
C LYS B 144 -8.79 28.83 26.63
N THR B 145 -9.22 28.50 27.85
CA THR B 145 -10.23 27.49 28.05
C THR B 145 -11.53 27.93 27.39
N LEU B 146 -11.91 29.18 27.59
CA LEU B 146 -13.16 29.65 27.02
C LEU B 146 -13.11 29.65 25.47
N LEU B 147 -11.91 29.75 24.89
CA LEU B 147 -11.76 29.72 23.43
C LEU B 147 -12.03 28.34 22.87
N LEU B 148 -11.80 27.30 23.68
CA LEU B 148 -12.20 25.94 23.31
C LEU B 148 -13.73 25.84 23.19
N LEU B 149 -14.43 26.68 23.94
CA LEU B 149 -15.90 26.68 24.00
C LEU B 149 -16.44 28.00 23.41
N SER B 150 -15.90 28.39 22.26
CA SER B 150 -16.19 29.68 21.64
C SER B 150 -17.06 29.57 20.37
N SER B 151 -17.28 28.34 19.91
CA SER B 151 -18.01 28.07 18.67
C SER B 151 -18.70 26.71 18.80
N VAL B 152 -20.00 26.64 18.54
CA VAL B 152 -20.73 25.36 18.57
C VAL B 152 -21.56 25.21 17.30
N PRO B 153 -21.96 23.98 16.97
CA PRO B 153 -22.76 23.77 15.76
C PRO B 153 -24.13 24.44 15.81
N LYS B 154 -24.58 24.94 14.66
CA LYS B 154 -25.89 25.57 14.52
C LYS B 154 -27.00 24.68 15.07
N ASP B 155 -26.98 23.41 14.67
CA ASP B 155 -28.06 22.46 14.97
C ASP B 155 -28.00 21.92 16.40
N GLY B 156 -26.79 21.76 16.95
CA GLY B 156 -26.61 21.37 18.35
C GLY B 156 -25.40 20.49 18.64
N LEU B 157 -25.27 20.10 19.90
CA LEU B 157 -24.25 19.16 20.38
C LEU B 157 -24.92 17.98 21.10
N LYS B 158 -24.34 16.78 20.96
CA LYS B 158 -24.86 15.59 21.66
C LYS B 158 -25.23 15.93 23.10
N SER B 159 -24.38 16.73 23.74
CA SER B 159 -24.61 17.17 25.11
C SER B 159 -24.44 18.68 25.25
N GLN B 160 -25.32 19.43 24.61
CA GLN B 160 -25.32 20.90 24.72
C GLN B 160 -25.57 21.32 26.15
N ALA B 161 -26.56 20.67 26.77
CA ALA B 161 -26.88 20.90 28.17
C ALA B 161 -25.60 20.96 29.01
N LEU B 162 -24.86 19.86 29.01
CA LEU B 162 -23.66 19.75 29.83
C LEU B 162 -22.59 20.75 29.41
N PHE B 163 -22.47 21.00 28.12
CA PHE B 163 -21.56 22.02 27.60
C PHE B 163 -21.88 23.40 28.18
N ASP B 164 -23.14 23.79 28.13
CA ASP B 164 -23.55 25.14 28.57
C ASP B 164 -23.12 25.43 30.00
N ALA B 165 -23.22 24.44 30.88
CA ALA B 165 -22.74 24.56 32.26
C ALA B 165 -21.21 24.63 32.33
N ILE B 166 -20.53 23.83 31.52
CA ILE B 166 -19.08 23.86 31.43
C ILE B 166 -18.60 25.29 31.09
N ARG B 167 -19.18 25.85 30.03
CA ARG B 167 -18.81 27.20 29.58
C ARG B 167 -19.10 28.24 30.65
N MET B 168 -20.29 28.14 31.25
CA MET B 168 -20.68 29.00 32.38
C MET B 168 -19.66 28.90 33.51
N THR B 169 -19.24 27.68 33.87
CA THR B 169 -18.21 27.53 34.90
C THR B 169 -16.96 28.35 34.60
N TYR B 170 -16.41 28.21 33.40
CA TYR B 170 -15.17 28.90 33.05
C TYR B 170 -15.37 30.39 32.86
N ILE B 171 -16.56 30.79 32.40
CA ILE B 171 -16.91 32.21 32.41
C ILE B 171 -16.70 32.73 33.84
N LYS B 172 -17.32 32.07 34.83
CA LYS B 172 -17.13 32.37 36.25
C LYS B 172 -15.65 32.30 36.65
N GLU B 173 -14.97 31.25 36.19
CA GLU B 173 -13.57 31.06 36.55
C GLU B 173 -12.68 32.21 36.07
N LEU B 174 -13.05 32.82 34.95
CA LEU B 174 -12.44 34.06 34.53
C LEU B 174 -12.84 35.20 35.45
N GLY B 175 -14.08 35.19 35.92
CA GLY B 175 -14.57 36.18 36.89
C GLY B 175 -13.79 36.17 38.19
N LYS B 176 -13.45 34.98 38.68
CA LYS B 176 -12.61 34.84 39.86
C LYS B 176 -11.20 35.37 39.57
N ALA B 177 -10.65 35.04 38.40
CA ALA B 177 -9.28 35.45 38.04
C ALA B 177 -9.11 36.98 37.90
N ILE B 178 -10.20 37.67 37.56
CA ILE B 178 -10.20 39.12 37.42
C ILE B 178 -10.36 39.80 38.78
N VAL B 179 -11.39 39.38 39.51
CA VAL B 179 -11.67 39.89 40.86
C VAL B 179 -10.51 39.56 41.82
N LYS B 180 -9.81 38.46 41.56
CA LYS B 180 -8.70 38.02 42.41
C LYS B 180 -7.52 38.99 42.41
N ARG B 181 -7.25 39.64 41.28
CA ARG B 181 -6.02 40.42 41.12
C ARG B 181 -6.18 41.91 41.41
N GLU B 182 -7.19 42.54 40.79
CA GLU B 182 -7.31 44.01 40.80
C GLU B 182 -8.26 44.55 41.90
N GLY B 183 -8.58 45.84 41.86
CA GLY B 183 -9.40 46.48 42.88
C GLY B 183 -10.86 46.05 42.95
N ASN B 184 -11.74 47.00 43.20
CA ASN B 184 -13.15 46.72 43.49
C ASN B 184 -14.06 46.73 42.25
N SER B 185 -15.34 46.43 42.48
CA SER B 185 -16.35 46.31 41.43
C SER B 185 -16.54 47.60 40.63
N SER B 186 -17.07 47.45 39.42
CA SER B 186 -17.17 48.52 38.40
C SER B 186 -15.80 48.89 37.78
N GLN B 187 -14.71 48.46 38.42
CA GLN B 187 -13.39 48.38 37.80
C GLN B 187 -13.14 46.95 37.31
N ASN B 188 -13.68 45.97 38.06
CA ASN B 188 -13.60 44.56 37.67
C ASN B 188 -14.43 44.25 36.42
N SER B 189 -15.62 44.85 36.31
CA SER B 189 -16.48 44.64 35.14
C SER B 189 -15.90 45.31 33.89
N GLN B 190 -15.21 46.44 34.07
CA GLN B 190 -14.44 47.07 32.98
C GLN B 190 -13.54 46.02 32.34
N ARG B 191 -12.77 45.33 33.17
CA ARG B 191 -11.83 44.33 32.73
C ARG B 191 -12.49 43.10 32.12
N PHE B 192 -13.66 42.72 32.63
CA PHE B 192 -14.34 41.57 32.07
C PHE B 192 -14.82 41.88 30.66
N TYR B 193 -15.41 43.06 30.47
CA TYR B 193 -15.85 43.54 29.16
C TYR B 193 -14.70 43.55 28.14
N GLN B 194 -13.50 43.90 28.60
CA GLN B 194 -12.37 44.03 27.71
C GLN B 194 -11.71 42.70 27.38
N LEU B 195 -11.60 41.83 28.38
CA LEU B 195 -11.06 40.48 28.17
C LEU B 195 -11.98 39.70 27.24
N THR B 196 -13.29 39.89 27.39
CA THR B 196 -14.26 39.20 26.54
C THR B 196 -14.27 39.81 25.14
N LYS B 197 -14.05 41.11 25.05
CA LYS B 197 -13.95 41.79 23.75
C LYS B 197 -12.80 41.19 22.97
N LEU B 198 -11.71 40.85 23.65
CA LEU B 198 -10.61 40.15 23.00
C LEU B 198 -11.06 38.77 22.57
N LEU B 199 -11.67 38.03 23.50
CA LEU B 199 -12.12 36.68 23.21
C LEU B 199 -13.04 36.64 21.99
N ASP B 200 -13.93 37.63 21.86
CA ASP B 200 -14.75 37.77 20.65
C ASP B 200 -13.96 38.05 19.38
N SER B 201 -12.87 38.81 19.50
CA SER B 201 -12.07 39.22 18.33
C SER B 201 -11.14 38.12 17.80
N MET B 202 -11.10 36.98 18.47
CA MET B 202 -10.35 35.84 17.97
C MET B 202 -11.11 35.18 16.85
N HIS B 203 -12.41 35.38 16.81
CA HIS B 203 -13.21 34.84 15.72
C HIS B 203 -12.67 35.35 14.40
N GLU B 204 -12.53 36.67 14.29
CA GLU B 204 -12.03 37.27 13.08
C GLU B 204 -10.51 37.13 12.92
N VAL B 205 -9.80 36.79 13.99
CA VAL B 205 -8.39 36.40 13.87
C VAL B 205 -8.37 35.08 13.15
N VAL B 206 -8.97 34.08 13.78
CA VAL B 206 -9.07 32.73 13.22
C VAL B 206 -9.54 32.72 11.76
N GLU B 207 -10.50 33.56 11.43
CA GLU B 207 -11.04 33.59 10.10
C GLU B 207 -9.99 34.10 9.12
N ASN B 208 -9.38 35.25 9.42
CA ASN B 208 -8.35 35.80 8.55
C ASN B 208 -7.23 34.81 8.31
N LEU B 209 -6.84 34.07 9.34
CA LEU B 209 -5.79 33.08 9.18
C LEU B 209 -6.29 31.90 8.35
N LEU B 210 -7.53 31.48 8.59
CA LEU B 210 -8.12 30.42 7.75
C LEU B 210 -8.11 30.84 6.29
N ASN B 211 -8.68 32.00 5.99
CA ASN B 211 -8.62 32.53 4.64
C ASN B 211 -7.22 32.39 4.10
N TYR B 212 -6.24 32.88 4.87
CA TYR B 212 -4.89 32.85 4.41
C TYR B 212 -4.46 31.43 4.02
N CYS B 213 -4.90 30.44 4.79
CA CYS B 213 -4.55 29.06 4.52
C CYS B 213 -5.06 28.58 3.17
N PHE B 214 -6.36 28.74 2.92
CA PHE B 214 -6.92 28.37 1.60
C PHE B 214 -6.14 29.04 0.49
N GLN B 215 -5.87 30.33 0.65
CA GLN B 215 -5.17 31.06 -0.37
C GLN B 215 -3.88 30.30 -0.73
N THR B 216 -3.19 29.76 0.27
CA THR B 216 -2.00 28.93 0.02
C THR B 216 -2.36 27.70 -0.79
N PHE B 217 -3.36 26.95 -0.34
CA PHE B 217 -3.71 25.70 -1.01
C PHE B 217 -3.90 25.94 -2.49
N LEU B 218 -4.59 27.03 -2.83
CA LEU B 218 -4.76 27.43 -4.22
C LEU B 218 -3.40 27.78 -4.83
N ASP B 219 -2.69 28.73 -4.23
CA ASP B 219 -1.37 29.13 -4.73
C ASP B 219 -0.41 27.98 -4.85
N LYS B 220 -0.64 26.90 -4.11
CA LYS B 220 0.22 25.73 -4.13
C LYS B 220 -0.43 24.52 -4.81
N THR B 221 -1.52 24.74 -5.55
CA THR B 221 -2.30 23.63 -6.16
C THR B 221 -1.45 22.55 -6.84
N MET B 222 -0.56 22.95 -7.73
CA MET B 222 0.23 21.98 -8.48
C MET B 222 1.59 21.71 -7.82
N SER B 223 1.85 22.33 -6.68
CA SER B 223 3.16 22.28 -6.09
C SER B 223 3.42 20.94 -5.41
N ILE B 224 4.55 20.32 -5.75
CA ILE B 224 4.90 19.00 -5.19
C ILE B 224 4.83 19.05 -3.67
N GLU B 225 5.49 20.03 -3.08
CA GLU B 225 5.42 20.23 -1.63
C GLU B 225 4.13 20.98 -1.33
N PHE B 226 3.19 20.27 -0.73
CA PHE B 226 1.87 20.80 -0.44
C PHE B 226 1.61 20.54 1.02
N PRO B 227 0.79 21.37 1.67
CA PRO B 227 0.49 21.12 3.07
C PRO B 227 -0.59 20.07 3.29
N GLU B 228 -0.24 18.79 3.13
CA GLU B 228 -1.15 17.68 3.43
C GLU B 228 -1.83 17.82 4.79
N MET B 229 -1.11 17.53 5.89
CA MET B 229 -1.66 17.64 7.25
C MET B 229 -2.73 18.75 7.29
N LEU B 230 -2.32 19.99 7.07
CA LEU B 230 -3.18 21.17 7.28
C LEU B 230 -4.35 21.21 6.31
N ALA B 231 -4.11 20.85 5.06
CA ALA B 231 -5.17 20.82 4.05
C ALA B 231 -6.25 19.81 4.40
N GLU B 232 -5.83 18.65 4.87
CA GLU B 232 -6.74 17.61 5.37
C GLU B 232 -7.66 18.15 6.48
N ILE B 233 -7.09 18.79 7.48
CA ILE B 233 -7.87 19.30 8.59
C ILE B 233 -8.89 20.31 8.08
N ILE B 234 -8.44 21.26 7.27
CA ILE B 234 -9.29 22.36 6.82
C ILE B 234 -10.33 21.90 5.81
N THR B 235 -10.02 20.87 5.02
CA THR B 235 -10.98 20.28 4.10
C THR B 235 -12.05 19.52 4.87
N ASN B 236 -11.64 18.77 5.90
CA ASN B 236 -12.57 17.98 6.72
C ASN B 236 -13.52 18.85 7.56
N GLN B 237 -13.12 20.09 7.84
CA GLN B 237 -13.94 21.01 8.63
C GLN B 237 -14.89 21.82 7.76
N ILE B 238 -14.72 21.76 6.43
CA ILE B 238 -15.59 22.50 5.49
C ILE B 238 -17.06 22.26 5.77
N PRO B 239 -17.51 20.98 5.75
CA PRO B 239 -18.93 20.66 5.94
C PRO B 239 -19.69 21.67 6.80
N LYS B 240 -19.12 21.97 7.96
CA LYS B 240 -19.77 22.86 8.92
C LYS B 240 -19.79 24.35 8.48
N TYR B 241 -18.69 25.06 8.70
CA TYR B 241 -18.65 26.52 8.52
C TYR B 241 -18.73 26.95 7.04
N SER B 242 -19.80 26.51 6.39
CA SER B 242 -20.05 26.80 4.98
C SER B 242 -21.51 27.19 4.77
N ASN B 243 -22.41 26.44 5.39
CA ASN B 243 -23.86 26.75 5.37
C ASN B 243 -24.30 27.37 6.70
N GLY B 244 -23.36 28.04 7.36
CA GLY B 244 -23.58 28.61 8.67
C GLY B 244 -23.79 27.58 9.75
N ASN B 245 -23.16 26.40 9.63
CA ASN B 245 -23.21 25.37 10.68
C ASN B 245 -22.10 25.62 11.69
N ILE B 246 -22.09 26.83 12.24
CA ILE B 246 -21.01 27.26 13.10
C ILE B 246 -21.48 28.51 13.86
N LYS B 247 -22.31 28.26 14.87
CA LYS B 247 -22.79 29.32 15.74
C LYS B 247 -21.63 29.83 16.57
N LYS B 248 -21.06 30.96 16.14
CA LYS B 248 -19.98 31.61 16.88
C LYS B 248 -20.54 32.26 18.14
N LEU B 249 -20.24 31.68 19.30
CA LEU B 249 -20.67 32.24 20.59
C LEU B 249 -19.91 33.53 20.89
N LEU B 250 -20.65 34.63 20.99
CA LEU B 250 -20.10 35.93 21.33
C LEU B 250 -20.45 36.34 22.75
N PHE B 251 -19.66 37.27 23.28
CA PHE B 251 -19.96 37.92 24.56
C PHE B 251 -20.59 39.31 24.37
N HIS B 252 -20.34 39.94 23.22
CA HIS B 252 -20.89 41.27 22.93
C HIS B 252 -21.75 41.27 21.68
N GLN B 253 -22.86 40.53 21.76
CA GLN B 253 -23.92 40.54 20.74
C GLN B 253 -24.20 41.95 20.23
N MET C 4 -6.23 13.93 49.74
CA MET C 4 -5.77 15.15 50.47
C MET C 4 -6.75 16.34 50.29
N LEU C 5 -6.33 17.44 49.65
CA LEU C 5 -7.23 18.54 49.26
C LEU C 5 -7.09 18.80 47.76
N THR C 6 -8.19 18.76 47.03
CA THR C 6 -8.16 18.88 45.57
C THR C 6 -8.05 20.36 45.17
N PRO C 7 -7.25 20.65 44.12
CA PRO C 7 -6.94 22.05 43.81
C PRO C 7 -8.09 22.75 43.13
N THR C 8 -7.98 24.07 42.96
CA THR C 8 -9.01 24.82 42.28
C THR C 8 -9.05 24.47 40.81
N LEU C 9 -10.15 24.83 40.14
CA LEU C 9 -10.22 24.71 38.69
C LEU C 9 -9.02 25.44 38.10
N VAL C 10 -8.86 26.72 38.42
CA VAL C 10 -7.72 27.51 37.96
C VAL C 10 -6.41 26.79 38.19
N SER C 11 -6.25 26.21 39.37
CA SER C 11 -5.01 25.54 39.71
C SER C 11 -4.77 24.35 38.76
N LEU C 12 -5.84 23.60 38.52
CA LEU C 12 -5.84 22.48 37.58
C LEU C 12 -5.49 22.94 36.17
N LEU C 13 -6.05 24.07 35.73
CA LEU C 13 -5.73 24.60 34.39
C LEU C 13 -4.26 25.02 34.25
N GLU C 14 -3.60 25.30 35.37
CA GLU C 14 -2.18 25.60 35.35
C GLU C 14 -1.35 24.34 35.22
N VAL C 15 -1.82 23.27 35.86
CA VAL C 15 -1.05 22.04 35.92
C VAL C 15 -1.04 21.37 34.56
N ILE C 16 -2.18 21.45 33.85
CA ILE C 16 -2.34 20.74 32.58
C ILE C 16 -1.95 21.57 31.34
N GLU C 17 -1.47 22.80 31.57
CA GLU C 17 -0.87 23.59 30.50
C GLU C 17 0.39 22.84 30.03
N PRO C 18 0.43 22.42 28.75
CA PRO C 18 1.54 21.57 28.31
C PRO C 18 2.87 22.29 28.32
N GLU C 19 3.94 21.50 28.29
CA GLU C 19 5.29 22.03 28.15
C GLU C 19 5.46 22.69 26.77
N VAL C 20 5.84 23.94 26.77
CA VAL C 20 6.18 24.66 25.56
C VAL C 20 6.89 23.75 24.54
N LEU C 21 6.42 23.80 23.30
CA LEU C 21 6.99 23.03 22.19
C LEU C 21 8.11 23.82 21.54
N TYR C 22 9.20 23.11 21.27
CA TYR C 22 10.37 23.69 20.60
C TYR C 22 10.33 23.42 19.10
N ALA C 23 10.79 24.38 18.31
CA ALA C 23 10.75 24.25 16.84
C ALA C 23 11.79 23.30 16.29
N GLY C 24 12.88 23.07 17.01
CA GLY C 24 13.95 22.22 16.51
C GLY C 24 14.67 22.93 15.39
N TYR C 25 14.98 24.21 15.63
CA TYR C 25 15.47 25.12 14.62
C TYR C 25 16.89 25.54 14.93
N ASP C 26 17.73 25.55 13.90
CA ASP C 26 19.15 25.79 14.08
C ASP C 26 19.57 27.12 13.42
N SER C 27 19.64 28.14 14.27
CA SER C 27 20.15 29.46 13.94
C SER C 27 21.58 29.47 13.37
N SER C 28 22.40 28.48 13.73
CA SER C 28 23.80 28.44 13.29
C SER C 28 23.99 27.99 11.84
N VAL C 29 23.01 27.27 11.30
CA VAL C 29 23.04 26.88 9.89
C VAL C 29 22.36 27.95 9.05
N PRO C 30 23.03 28.42 7.97
CA PRO C 30 22.40 29.42 7.12
C PRO C 30 21.29 28.80 6.28
N ASP C 31 20.32 29.61 5.86
CA ASP C 31 19.13 29.15 5.16
C ASP C 31 19.45 28.22 3.99
N SER C 32 20.47 28.56 3.21
CA SER C 32 20.83 27.79 2.00
C SER C 32 21.38 26.39 2.30
N THR C 33 22.42 26.33 3.13
CA THR C 33 23.01 25.07 3.58
C THR C 33 21.91 24.15 4.10
N TRP C 34 21.00 24.71 4.89
CA TRP C 34 19.91 23.97 5.52
C TRP C 34 18.96 23.37 4.50
N ARG C 35 18.54 24.18 3.53
CA ARG C 35 17.55 23.72 2.53
C ARG C 35 18.06 22.52 1.73
N ILE C 36 19.23 22.63 1.12
CA ILE C 36 19.73 21.50 0.31
C ILE C 36 19.95 20.27 1.18
N MET C 37 20.63 20.47 2.30
CA MET C 37 20.95 19.37 3.20
C MET C 37 19.73 18.70 3.84
N THR C 38 18.68 19.47 4.11
CA THR C 38 17.42 18.90 4.63
C THR C 38 16.68 18.13 3.57
N THR C 39 16.67 18.69 2.34
CA THR C 39 15.92 18.16 1.20
C THR C 39 16.53 16.83 0.75
N LEU C 40 17.85 16.79 0.61
CA LEU C 40 18.53 15.52 0.33
C LEU C 40 18.32 14.54 1.49
N ASN C 41 18.38 15.03 2.74
CA ASN C 41 18.09 14.18 3.89
C ASN C 41 16.68 13.63 3.87
N MET C 42 15.67 14.48 3.70
CA MET C 42 14.27 14.02 3.58
C MET C 42 14.18 12.88 2.58
N LEU C 43 14.75 13.08 1.39
CA LEU C 43 14.65 12.11 0.29
C LEU C 43 15.37 10.80 0.57
N GLY C 44 16.63 10.88 0.97
CA GLY C 44 17.43 9.70 1.26
C GLY C 44 16.73 8.79 2.26
N GLY C 45 16.18 9.38 3.32
CA GLY C 45 15.58 8.61 4.41
C GLY C 45 14.25 8.03 3.97
N ARG C 46 13.48 8.86 3.26
CA ARG C 46 12.24 8.40 2.67
C ARG C 46 12.49 7.25 1.71
N GLN C 47 13.61 7.29 0.97
CA GLN C 47 13.98 6.16 0.13
C GLN C 47 14.32 4.92 0.97
N VAL C 48 15.09 5.12 2.04
CA VAL C 48 15.45 4.03 2.96
C VAL C 48 14.22 3.39 3.63
N ILE C 49 13.25 4.21 4.06
CA ILE C 49 12.00 3.69 4.62
C ILE C 49 11.21 2.90 3.56
N ALA C 50 11.24 3.41 2.32
CA ALA C 50 10.60 2.74 1.19
C ALA C 50 11.25 1.39 0.96
N ALA C 51 12.57 1.38 1.05
CA ALA C 51 13.34 0.17 0.86
C ALA C 51 12.89 -0.85 1.88
N VAL C 52 12.78 -0.42 3.13
CA VAL C 52 12.52 -1.36 4.22
C VAL C 52 11.14 -1.96 4.02
N LYS C 53 10.15 -1.12 3.76
CA LYS C 53 8.79 -1.58 3.44
C LYS C 53 8.77 -2.47 2.19
N TRP C 54 9.64 -2.19 1.22
CA TRP C 54 9.78 -3.03 0.05
C TRP C 54 10.26 -4.43 0.43
N ALA C 55 11.38 -4.48 1.13
CA ALA C 55 12.00 -5.74 1.54
C ALA C 55 11.03 -6.63 2.33
N LYS C 56 10.28 -6.01 3.24
CA LYS C 56 9.38 -6.73 4.12
C LYS C 56 8.32 -7.47 3.30
N ALA C 57 8.02 -6.99 2.08
CA ALA C 57 7.02 -7.63 1.21
C ALA C 57 7.60 -8.75 0.33
N ILE C 58 8.93 -8.85 0.24
CA ILE C 58 9.55 -9.84 -0.63
C ILE C 58 9.33 -11.22 -0.03
N PRO C 59 8.44 -12.02 -0.64
CA PRO C 59 8.06 -13.29 -0.05
C PRO C 59 9.26 -14.06 0.46
N GLY C 60 9.15 -14.54 1.69
CA GLY C 60 10.25 -15.20 2.38
C GLY C 60 10.93 -14.27 3.38
N PHE C 61 11.31 -13.07 2.92
CA PHE C 61 12.10 -12.13 3.72
C PHE C 61 11.52 -11.89 5.11
N ARG C 62 10.24 -11.59 5.19
CA ARG C 62 9.60 -11.29 6.48
C ARG C 62 9.59 -12.48 7.46
N ASN C 63 9.94 -13.67 6.96
CA ASN C 63 10.06 -14.87 7.78
C ASN C 63 11.50 -15.20 8.18
N LEU C 64 12.44 -14.35 7.78
CA LEU C 64 13.82 -14.46 8.27
C LEU C 64 13.88 -13.93 9.70
N HIS C 65 14.84 -14.42 10.47
CA HIS C 65 15.12 -13.90 11.80
C HIS C 65 14.99 -12.38 11.79
N LEU C 66 14.33 -11.80 12.78
CA LEU C 66 14.13 -10.35 12.80
C LEU C 66 15.46 -9.57 12.76
N ASP C 67 16.49 -10.12 13.39
CA ASP C 67 17.82 -9.52 13.36
C ASP C 67 18.49 -9.68 12.01
N ASP C 68 18.11 -10.71 11.26
CA ASP C 68 18.60 -10.89 9.87
C ASP C 68 17.95 -9.84 8.95
N GLN C 69 16.65 -9.66 9.12
CA GLN C 69 15.91 -8.64 8.40
C GLN C 69 16.55 -7.25 8.61
N MET C 70 16.99 -6.97 9.84
CA MET C 70 17.66 -5.71 10.13
C MET C 70 19.03 -5.68 9.45
N THR C 71 19.79 -6.77 9.59
CA THR C 71 21.16 -6.85 9.08
C THR C 71 21.24 -6.78 7.55
N LEU C 72 20.33 -7.48 6.87
CA LEU C 72 20.25 -7.41 5.40
C LEU C 72 19.95 -5.98 4.97
N LEU C 73 18.91 -5.39 5.55
CA LEU C 73 18.60 -3.99 5.28
C LEU C 73 19.80 -3.08 5.55
N GLN C 74 20.62 -3.42 6.53
CA GLN C 74 21.81 -2.63 6.84
C GLN C 74 22.90 -2.76 5.77
N TYR C 75 23.37 -3.99 5.54
CA TYR C 75 24.48 -4.22 4.60
C TYR C 75 24.17 -3.79 3.15
N SER C 76 22.91 -3.50 2.83
CA SER C 76 22.50 -3.30 1.44
C SER C 76 21.71 -2.03 1.12
N TRP C 77 21.33 -1.23 2.12
CA TRP C 77 20.48 -0.06 1.84
C TRP C 77 21.03 0.80 0.72
N MET C 78 22.34 1.02 0.70
CA MET C 78 22.97 1.91 -0.27
C MET C 78 22.95 1.30 -1.67
N SER C 79 23.18 0.00 -1.73
CA SER C 79 23.14 -0.75 -2.98
C SER C 79 21.76 -0.64 -3.63
N LEU C 80 20.71 -0.72 -2.81
CA LEU C 80 19.34 -0.56 -3.29
C LEU C 80 19.07 0.85 -3.79
N MET C 81 19.57 1.84 -3.07
CA MET C 81 19.32 3.22 -3.40
C MET C 81 20.05 3.53 -4.69
N ALA C 82 21.35 3.24 -4.68
CA ALA C 82 22.22 3.50 -5.81
C ALA C 82 21.76 2.83 -7.10
N PHE C 83 21.25 1.60 -7.00
CA PHE C 83 20.76 0.87 -8.17
C PHE C 83 19.46 1.50 -8.65
N ALA C 84 18.55 1.78 -7.73
CA ALA C 84 17.33 2.53 -8.04
C ALA C 84 17.65 3.90 -8.65
N LEU C 85 18.65 4.59 -8.12
CA LEU C 85 19.07 5.84 -8.72
C LEU C 85 19.55 5.58 -10.16
N GLY C 86 20.35 4.53 -10.34
CA GLY C 86 20.86 4.19 -11.66
C GLY C 86 19.74 3.96 -12.64
N TRP C 87 18.79 3.13 -12.26
CA TRP C 87 17.68 2.79 -13.13
C TRP C 87 16.86 4.01 -13.48
N ARG C 88 16.46 4.75 -12.46
CA ARG C 88 15.61 5.92 -12.67
C ARG C 88 16.24 6.84 -13.71
N SER C 89 17.54 7.11 -13.56
CA SER C 89 18.29 8.00 -14.47
C SER C 89 18.33 7.50 -15.91
N TYR C 90 18.43 6.19 -16.08
CA TYR C 90 18.35 5.57 -17.39
C TYR C 90 16.98 5.84 -18.04
N ARG C 91 15.89 5.60 -17.32
CA ARG C 91 14.54 5.80 -17.86
C ARG C 91 14.16 7.26 -18.00
N GLN C 92 14.57 8.08 -17.04
CA GLN C 92 14.21 9.50 -16.98
C GLN C 92 14.90 10.32 -18.06
N SER C 93 16.22 10.23 -18.12
CA SER C 93 17.02 11.11 -18.99
C SER C 93 18.02 10.36 -19.85
N SER C 94 17.73 9.09 -20.15
CA SER C 94 18.59 8.28 -21.01
C SER C 94 20.01 8.18 -20.42
N ALA C 95 20.10 8.19 -19.10
CA ALA C 95 21.35 7.87 -18.38
C ALA C 95 22.37 9.01 -18.25
N ASN C 96 22.13 10.16 -18.87
CA ASN C 96 23.15 11.22 -18.88
C ASN C 96 23.04 12.21 -17.70
N LEU C 97 22.06 12.02 -16.82
CA LEU C 97 21.96 12.83 -15.59
C LEU C 97 21.57 11.96 -14.41
N LEU C 98 21.88 12.41 -13.19
CA LEU C 98 21.46 11.69 -11.98
C LEU C 98 20.09 12.19 -11.56
N CYS C 99 19.07 11.36 -11.72
CA CYS C 99 17.70 11.68 -11.28
C CYS C 99 17.47 11.18 -9.86
N PHE C 100 17.83 12.01 -8.90
CA PHE C 100 17.63 11.72 -7.48
C PHE C 100 16.17 11.58 -7.17
N ALA C 101 15.41 12.58 -7.59
CA ALA C 101 13.98 12.51 -7.67
C ALA C 101 13.63 12.94 -9.09
N PRO C 102 12.35 12.87 -9.47
CA PRO C 102 11.96 13.48 -10.73
C PRO C 102 12.03 15.01 -10.74
N ASP C 103 12.02 15.65 -9.56
CA ASP C 103 12.14 17.10 -9.47
C ASP C 103 13.45 17.51 -8.80
N LEU C 104 14.42 16.62 -8.89
CA LEU C 104 15.76 16.90 -8.37
C LEU C 104 16.74 16.16 -9.23
N ILE C 105 17.38 16.88 -10.14
CA ILE C 105 18.35 16.32 -11.04
C ILE C 105 19.68 17.00 -10.79
N ILE C 106 20.75 16.24 -10.98
CA ILE C 106 22.11 16.75 -10.85
C ILE C 106 22.72 16.80 -12.26
N ASN C 107 22.91 18.03 -12.76
CA ASN C 107 23.19 18.29 -14.18
C ASN C 107 24.70 18.25 -14.54
N GLU C 108 25.08 18.81 -15.69
CA GLU C 108 26.50 18.97 -16.06
C GLU C 108 27.28 19.87 -15.09
N GLN C 109 26.66 20.96 -14.62
CA GLN C 109 27.29 21.89 -13.66
C GLN C 109 27.45 21.28 -12.25
N ARG C 110 26.39 20.62 -11.74
CA ARG C 110 26.43 19.98 -10.42
C ARG C 110 27.37 18.76 -10.37
N MET C 111 27.43 18.01 -11.47
CA MET C 111 28.37 16.88 -11.61
C MET C 111 29.79 17.31 -12.01
N THR C 112 29.99 18.60 -12.29
CA THR C 112 31.33 19.16 -12.53
C THR C 112 31.67 20.24 -11.49
N LEU C 113 31.44 19.90 -10.22
CA LEU C 113 31.68 20.81 -9.08
C LEU C 113 32.81 20.27 -8.18
N PRO C 114 33.44 21.16 -7.37
CA PRO C 114 34.55 20.69 -6.52
C PRO C 114 34.14 19.94 -5.23
N ASP C 115 33.02 19.22 -5.26
CA ASP C 115 32.60 18.38 -4.12
C ASP C 115 31.54 17.35 -4.53
N MET C 116 31.59 16.19 -3.88
CA MET C 116 30.59 15.12 -4.08
C MET C 116 30.43 14.60 -5.51
N TYR C 117 31.20 15.14 -6.47
CA TYR C 117 31.10 14.70 -7.86
C TYR C 117 31.93 13.44 -8.08
N ASP C 118 32.86 13.18 -7.16
CA ASP C 118 33.60 11.90 -7.13
C ASP C 118 32.61 10.76 -6.85
N GLN C 119 31.56 11.07 -6.09
CA GLN C 119 30.46 10.14 -5.81
C GLN C 119 29.54 10.02 -7.04
N CYS C 120 29.31 11.14 -7.72
CA CYS C 120 28.46 11.17 -8.91
C CYS C 120 29.02 10.37 -10.07
N LYS C 121 30.35 10.37 -10.23
CA LYS C 121 31.00 9.51 -11.22
C LYS C 121 30.57 8.07 -10.97
N HIS C 122 30.75 7.60 -9.74
CA HIS C 122 30.39 6.24 -9.36
C HIS C 122 28.91 5.98 -9.56
N MET C 123 28.07 6.96 -9.20
CA MET C 123 26.61 6.82 -9.33
C MET C 123 26.16 6.73 -10.79
N LEU C 124 26.69 7.61 -11.64
CA LEU C 124 26.35 7.58 -13.06
C LEU C 124 26.81 6.31 -13.78
N TYR C 125 27.84 5.64 -13.27
CA TYR C 125 28.27 4.37 -13.87
C TYR C 125 27.14 3.35 -13.87
N VAL C 126 26.45 3.21 -12.74
CA VAL C 126 25.33 2.26 -12.65
C VAL C 126 24.34 2.54 -13.79
N SER C 127 23.95 3.81 -13.95
CA SER C 127 22.95 4.18 -14.95
C SER C 127 23.43 3.92 -16.36
N SER C 128 24.66 4.32 -16.68
CA SER C 128 25.19 4.09 -18.03
C SER C 128 25.24 2.60 -18.35
N GLU C 129 25.55 1.79 -17.34
CA GLU C 129 25.66 0.34 -17.53
C GLU C 129 24.30 -0.35 -17.61
N LEU C 130 23.25 0.31 -17.12
CA LEU C 130 21.89 -0.16 -17.35
C LEU C 130 21.48 0.22 -18.76
N HIS C 131 21.77 1.46 -19.14
CA HIS C 131 21.56 1.93 -20.51
C HIS C 131 22.32 1.07 -21.53
N ARG C 132 23.55 0.69 -21.18
CA ARG C 132 24.44 -0.03 -22.10
C ARG C 132 24.00 -1.46 -22.35
N LEU C 133 23.43 -2.10 -21.32
CA LEU C 133 22.95 -3.47 -21.43
C LEU C 133 21.46 -3.52 -21.79
N GLN C 134 20.85 -2.35 -21.96
CA GLN C 134 19.43 -2.22 -22.23
C GLN C 134 18.61 -3.08 -21.26
N VAL C 135 18.99 -3.02 -19.98
CA VAL C 135 18.37 -3.85 -18.95
C VAL C 135 16.89 -3.59 -18.91
N SER C 136 16.10 -4.66 -18.79
CA SER C 136 14.64 -4.56 -18.75
C SER C 136 14.14 -4.30 -17.34
N TYR C 137 12.89 -3.87 -17.22
CA TYR C 137 12.32 -3.60 -15.91
C TYR C 137 12.31 -4.87 -15.04
N GLU C 138 11.91 -6.00 -15.61
CA GLU C 138 11.82 -7.27 -14.86
C GLU C 138 13.20 -7.73 -14.42
N GLU C 139 14.17 -7.61 -15.31
CA GLU C 139 15.56 -7.80 -14.91
C GLU C 139 15.91 -6.85 -13.74
N TYR C 140 15.72 -5.54 -13.93
CA TYR C 140 16.04 -4.56 -12.87
C TYR C 140 15.41 -4.97 -11.56
N LEU C 141 14.09 -5.23 -11.59
CA LEU C 141 13.37 -5.65 -10.40
C LEU C 141 14.04 -6.85 -9.76
N CYS C 142 14.28 -7.89 -10.55
CA CYS C 142 14.95 -9.08 -10.07
C CYS C 142 16.33 -8.75 -9.52
N MET C 143 17.12 -8.01 -10.29
CA MET C 143 18.48 -7.63 -9.92
C MET C 143 18.52 -6.87 -8.58
N LYS C 144 17.62 -5.89 -8.43
CA LYS C 144 17.53 -5.12 -7.20
C LYS C 144 17.21 -6.04 -6.01
N THR C 145 16.34 -7.01 -6.20
CA THR C 145 16.07 -8.01 -5.18
C THR C 145 17.33 -8.83 -4.80
N LEU C 146 18.19 -9.14 -5.78
CA LEU C 146 19.44 -9.84 -5.49
C LEU C 146 20.42 -8.96 -4.70
N LEU C 147 20.31 -7.65 -4.88
CA LEU C 147 21.16 -6.70 -4.15
C LEU C 147 20.80 -6.67 -2.67
N LEU C 148 19.54 -6.93 -2.35
CA LEU C 148 19.16 -7.10 -0.95
C LEU C 148 19.90 -8.28 -0.34
N LEU C 149 19.99 -9.36 -1.11
CA LEU C 149 20.59 -10.61 -0.65
C LEU C 149 22.04 -10.78 -1.14
N SER C 150 22.79 -9.69 -1.19
CA SER C 150 24.13 -9.69 -1.81
C SER C 150 25.29 -9.64 -0.80
N SER C 151 24.98 -9.65 0.49
CA SER C 151 26.02 -9.64 1.53
C SER C 151 25.49 -10.12 2.89
N VAL C 152 26.14 -11.11 3.46
CA VAL C 152 25.73 -11.69 4.73
C VAL C 152 26.88 -11.63 5.74
N PRO C 153 26.54 -11.71 7.05
CA PRO C 153 27.62 -11.80 8.03
C PRO C 153 28.49 -13.02 7.77
N LYS C 154 29.81 -12.83 7.75
CA LYS C 154 30.73 -13.93 7.47
C LYS C 154 30.54 -15.04 8.52
N ASP C 155 30.12 -14.63 9.72
CA ASP C 155 29.74 -15.58 10.77
C ASP C 155 28.50 -16.39 10.39
N GLY C 156 27.62 -15.80 9.58
CA GLY C 156 26.42 -16.46 9.08
C GLY C 156 25.14 -15.79 9.60
N LEU C 157 24.09 -15.83 8.79
CA LEU C 157 22.76 -15.42 9.23
C LEU C 157 22.15 -16.45 10.16
N LYS C 158 21.18 -16.02 10.96
CA LYS C 158 20.42 -16.94 11.78
C LYS C 158 19.63 -17.92 10.91
N SER C 159 18.90 -17.38 9.92
CA SER C 159 18.06 -18.18 9.03
C SER C 159 18.72 -18.42 7.66
N GLN C 160 19.94 -18.94 7.67
CA GLN C 160 20.73 -19.11 6.45
C GLN C 160 20.08 -19.99 5.39
N ALA C 161 19.49 -21.11 5.79
CA ALA C 161 18.81 -22.00 4.84
C ALA C 161 17.67 -21.24 4.13
N LEU C 162 16.79 -20.64 4.93
CA LEU C 162 15.67 -19.84 4.42
C LEU C 162 16.16 -18.78 3.43
N PHE C 163 17.28 -18.17 3.76
CA PHE C 163 17.89 -17.11 2.95
C PHE C 163 18.33 -17.65 1.60
N ASP C 164 19.08 -18.75 1.62
CA ASP C 164 19.59 -19.39 0.39
C ASP C 164 18.44 -19.87 -0.49
N ALA C 165 17.40 -20.39 0.16
CA ALA C 165 16.16 -20.74 -0.52
C ALA C 165 15.59 -19.51 -1.22
N ILE C 166 15.52 -18.39 -0.50
CA ILE C 166 15.09 -17.13 -1.11
C ILE C 166 16.02 -16.70 -2.25
N ARG C 167 17.32 -16.75 -2.01
CA ARG C 167 18.30 -16.24 -2.98
C ARG C 167 18.29 -17.04 -4.29
N MET C 168 18.35 -18.36 -4.19
CA MET C 168 18.34 -19.22 -5.38
C MET C 168 17.06 -18.99 -6.18
N THR C 169 15.97 -18.70 -5.48
CA THR C 169 14.71 -18.38 -6.14
C THR C 169 14.80 -17.13 -7.01
N TYR C 170 15.50 -16.11 -6.51
CA TYR C 170 15.61 -14.82 -7.22
C TYR C 170 16.79 -14.80 -8.21
N ILE C 171 17.80 -15.65 -7.99
CA ILE C 171 18.82 -15.87 -9.02
C ILE C 171 18.15 -16.58 -10.20
N LYS C 172 17.33 -17.58 -9.90
CA LYS C 172 16.50 -18.25 -10.91
C LYS C 172 15.54 -17.27 -11.57
N GLU C 173 14.87 -16.45 -10.77
CA GLU C 173 13.91 -15.49 -11.29
C GLU C 173 14.57 -14.51 -12.26
N LEU C 174 15.82 -14.15 -12.02
CA LEU C 174 16.58 -13.33 -12.95
C LEU C 174 16.68 -14.07 -14.27
N GLY C 175 17.12 -15.32 -14.20
CA GLY C 175 17.21 -16.18 -15.38
C GLY C 175 15.91 -16.22 -16.15
N LYS C 176 14.80 -16.33 -15.42
CA LYS C 176 13.48 -16.34 -16.05
C LYS C 176 13.22 -15.06 -16.84
N ALA C 177 13.58 -13.91 -16.26
CA ALA C 177 13.39 -12.60 -16.89
C ALA C 177 14.19 -12.45 -18.17
N ILE C 178 15.44 -12.93 -18.14
CA ILE C 178 16.33 -12.94 -19.32
C ILE C 178 15.74 -13.69 -20.52
N VAL C 179 15.20 -14.88 -20.27
CA VAL C 179 14.58 -15.69 -21.33
C VAL C 179 13.32 -14.99 -21.83
N LYS C 180 12.59 -14.35 -20.91
CA LYS C 180 11.41 -13.54 -21.24
C LYS C 180 11.71 -12.45 -22.26
N ARG C 181 12.97 -12.06 -22.38
CA ARG C 181 13.41 -11.00 -23.28
C ARG C 181 14.07 -11.60 -24.52
N GLU C 182 15.18 -12.29 -24.31
CA GLU C 182 16.02 -12.75 -25.40
C GLU C 182 15.51 -14.04 -26.08
N GLY C 183 16.31 -14.56 -26.99
CA GLY C 183 16.02 -15.83 -27.67
C GLY C 183 16.96 -16.93 -27.24
N ASN C 184 17.87 -17.31 -28.15
CA ASN C 184 18.64 -18.55 -28.05
C ASN C 184 19.52 -18.73 -26.81
N SER C 185 19.71 -19.98 -26.44
CA SER C 185 20.37 -20.37 -25.20
C SER C 185 21.83 -19.94 -25.12
N SER C 186 22.57 -20.14 -26.22
CA SER C 186 23.99 -19.81 -26.28
C SER C 186 24.26 -18.36 -25.86
N GLN C 187 23.49 -17.43 -26.40
CA GLN C 187 23.68 -16.00 -26.14
C GLN C 187 22.72 -15.44 -25.09
N ASN C 188 22.26 -16.31 -24.19
CA ASN C 188 21.57 -15.89 -22.97
C ASN C 188 22.57 -15.81 -21.83
N SER C 189 23.38 -16.85 -21.67
CA SER C 189 24.34 -16.89 -20.56
C SER C 189 25.32 -15.73 -20.58
N GLN C 190 25.55 -15.15 -21.77
CA GLN C 190 26.31 -13.90 -21.90
C GLN C 190 25.62 -12.78 -21.13
N ARG C 191 24.29 -12.72 -21.22
CA ARG C 191 23.50 -11.72 -20.50
C ARG C 191 23.47 -11.99 -18.99
N PHE C 192 23.23 -13.24 -18.59
CA PHE C 192 23.26 -13.60 -17.18
C PHE C 192 24.63 -13.28 -16.58
N TYR C 193 25.68 -13.50 -17.36
CA TYR C 193 27.05 -13.14 -16.95
C TYR C 193 27.21 -11.64 -16.83
N GLN C 194 26.73 -10.91 -17.84
CA GLN C 194 26.90 -9.46 -17.90
C GLN C 194 26.06 -8.72 -16.88
N LEU C 195 24.81 -9.16 -16.69
CA LEU C 195 23.96 -8.59 -15.63
C LEU C 195 24.51 -8.90 -14.25
N THR C 196 24.92 -10.15 -14.04
CA THR C 196 25.53 -10.52 -12.75
C THR C 196 26.87 -9.81 -12.51
N LYS C 197 27.63 -9.54 -13.57
CA LYS C 197 28.87 -8.79 -13.41
C LYS C 197 28.58 -7.39 -12.88
N LEU C 198 27.44 -6.81 -13.29
CA LEU C 198 27.03 -5.50 -12.80
C LEU C 198 26.71 -5.56 -11.31
N LEU C 199 25.87 -6.51 -10.92
CA LEU C 199 25.54 -6.71 -9.51
C LEU C 199 26.84 -6.81 -8.70
N ASP C 200 27.75 -7.68 -9.14
CA ASP C 200 29.06 -7.83 -8.50
C ASP C 200 29.74 -6.48 -8.32
N SER C 201 29.72 -5.65 -9.36
CA SER C 201 30.45 -4.38 -9.34
C SER C 201 29.78 -3.29 -8.49
N MET C 202 28.59 -3.57 -7.96
CA MET C 202 27.89 -2.63 -7.08
C MET C 202 28.56 -2.51 -5.72
N HIS C 203 29.22 -3.58 -5.29
CA HIS C 203 30.00 -3.54 -4.06
C HIS C 203 31.02 -2.41 -4.12
N GLU C 204 31.69 -2.28 -5.27
CA GLU C 204 32.66 -1.21 -5.52
C GLU C 204 32.00 0.17 -5.45
N VAL C 205 30.89 0.35 -6.17
CA VAL C 205 30.18 1.63 -6.16
C VAL C 205 29.65 1.96 -4.77
N VAL C 206 29.06 0.97 -4.09
CA VAL C 206 28.56 1.16 -2.72
C VAL C 206 29.65 1.64 -1.77
N GLU C 207 30.79 0.94 -1.73
CA GLU C 207 31.82 1.26 -0.76
C GLU C 207 32.41 2.67 -0.96
N ASN C 208 32.49 3.12 -2.22
CA ASN C 208 32.92 4.50 -2.51
C ASN C 208 31.88 5.56 -2.12
N LEU C 209 30.60 5.23 -2.22
CA LEU C 209 29.53 6.14 -1.81
C LEU C 209 29.50 6.29 -0.29
N LEU C 210 29.88 5.25 0.42
CA LEU C 210 29.90 5.25 1.88
C LEU C 210 31.04 6.10 2.46
N ASN C 211 32.06 6.40 1.65
CA ASN C 211 33.10 7.36 2.03
C ASN C 211 32.59 8.80 2.00
N TYR C 212 31.63 9.08 1.12
CA TYR C 212 30.96 10.36 1.09
C TYR C 212 30.14 10.53 2.37
N CYS C 213 29.04 9.79 2.45
CA CYS C 213 28.03 9.99 3.49
C CYS C 213 28.46 9.67 4.93
N PHE C 214 29.53 8.91 5.09
CA PHE C 214 30.13 8.70 6.42
C PHE C 214 31.04 9.87 6.78
N GLN C 215 31.67 10.47 5.77
CA GLN C 215 32.46 11.70 5.97
C GLN C 215 31.55 12.92 5.82
N THR C 216 31.16 13.21 4.58
CA THR C 216 30.42 14.44 4.27
C THR C 216 28.99 14.45 4.82
N PHE C 217 28.03 13.90 4.07
CA PHE C 217 26.61 13.93 4.45
C PHE C 217 26.29 12.88 5.52
N ALA C 231 14.10 11.89 11.95
CA ALA C 231 12.70 11.93 11.52
C ALA C 231 12.14 10.53 11.17
N GLU C 232 12.87 9.46 11.51
CA GLU C 232 12.33 8.07 11.56
C GLU C 232 13.38 7.06 12.08
N ILE C 233 12.95 6.20 13.01
CA ILE C 233 13.87 5.33 13.76
C ILE C 233 14.47 4.20 12.89
N ILE C 234 13.64 3.47 12.15
CA ILE C 234 14.16 2.32 11.38
C ILE C 234 15.16 2.83 10.32
N THR C 235 14.86 3.98 9.73
CA THR C 235 15.77 4.61 8.79
C THR C 235 17.02 5.19 9.46
N ASN C 236 17.03 5.20 10.80
CA ASN C 236 18.20 5.67 11.53
C ASN C 236 19.16 4.50 11.74
N GLN C 237 18.63 3.39 12.23
CA GLN C 237 19.40 2.18 12.52
C GLN C 237 20.11 1.61 11.32
N ILE C 238 19.48 1.70 10.16
CA ILE C 238 19.97 1.03 8.98
C ILE C 238 21.18 1.79 8.35
N PRO C 239 21.16 3.13 8.35
CA PRO C 239 22.37 3.86 7.98
C PRO C 239 23.33 4.14 9.16
N LYS C 240 23.82 3.09 9.81
CA LYS C 240 24.88 3.18 10.82
C LYS C 240 26.12 2.38 10.39
N TYR C 241 27.23 3.10 10.17
CA TYR C 241 28.45 2.54 9.57
C TYR C 241 28.89 1.13 10.06
N SER C 242 28.54 0.11 9.30
CA SER C 242 29.05 -1.25 9.51
C SER C 242 30.50 -1.32 9.00
N ASN C 243 31.33 -2.16 9.64
CA ASN C 243 32.78 -2.18 9.35
C ASN C 243 33.32 -3.52 8.80
N GLY C 244 33.62 -4.47 9.69
CA GLY C 244 34.34 -5.70 9.30
C GLY C 244 33.54 -6.98 9.47
N ASN C 245 34.14 -8.09 9.03
CA ASN C 245 33.51 -9.43 9.09
C ASN C 245 32.21 -9.52 8.27
N ILE C 246 32.22 -8.93 7.08
CA ILE C 246 31.06 -8.88 6.20
C ILE C 246 31.35 -9.63 4.89
N LYS C 247 30.75 -10.82 4.73
CA LYS C 247 30.95 -11.60 3.51
C LYS C 247 30.15 -11.05 2.34
N LYS C 248 30.83 -10.37 1.42
CA LYS C 248 30.18 -9.82 0.25
C LYS C 248 30.01 -10.93 -0.78
N LEU C 249 28.77 -11.33 -1.02
CA LEU C 249 28.47 -12.41 -1.96
C LEU C 249 28.78 -11.94 -3.38
N LEU C 250 29.42 -12.82 -4.15
CA LEU C 250 29.85 -12.52 -5.51
C LEU C 250 29.32 -13.60 -6.46
N PHE C 251 28.96 -13.21 -7.68
CA PHE C 251 28.51 -14.16 -8.70
C PHE C 251 29.66 -14.74 -9.52
N HIS C 252 30.88 -14.22 -9.32
CA HIS C 252 32.02 -14.58 -10.19
C HIS C 252 33.35 -14.55 -9.43
N GLN C 253 33.98 -15.72 -9.34
CA GLN C 253 35.17 -15.98 -8.51
C GLN C 253 35.40 -14.97 -7.39
N PRO D 7 11.35 21.33 -13.94
CA PRO D 7 10.90 20.64 -15.15
C PRO D 7 9.48 21.02 -15.57
N THR D 8 9.16 20.87 -16.85
CA THR D 8 7.80 21.09 -17.36
C THR D 8 6.84 20.07 -16.77
N LEU D 9 5.56 20.43 -16.75
CA LEU D 9 4.53 19.52 -16.28
C LEU D 9 4.56 18.24 -17.10
N VAL D 10 4.80 18.36 -18.40
CA VAL D 10 4.78 17.20 -19.27
C VAL D 10 6.06 16.35 -19.09
N SER D 11 7.13 16.95 -18.59
CA SER D 11 8.37 16.22 -18.29
C SER D 11 8.14 15.26 -17.14
N LEU D 12 7.51 15.77 -16.09
CA LEU D 12 7.05 14.97 -14.97
C LEU D 12 6.11 13.89 -15.48
N LEU D 13 5.04 14.29 -16.17
CA LEU D 13 4.07 13.34 -16.68
C LEU D 13 4.79 12.22 -17.41
N GLU D 14 5.81 12.56 -18.18
CA GLU D 14 6.57 11.54 -18.90
C GLU D 14 7.48 10.71 -18.00
N VAL D 15 8.09 11.34 -17.00
CA VAL D 15 8.92 10.61 -16.06
C VAL D 15 8.12 9.54 -15.35
N ILE D 16 6.93 9.90 -14.87
CA ILE D 16 6.16 9.01 -13.98
C ILE D 16 5.28 7.99 -14.70
N GLU D 17 5.43 7.86 -16.01
CA GLU D 17 4.69 6.85 -16.76
C GLU D 17 5.24 5.49 -16.36
N PRO D 18 4.35 4.55 -15.99
CA PRO D 18 4.80 3.22 -15.61
C PRO D 18 5.29 2.39 -16.78
N GLU D 19 6.44 1.76 -16.62
CA GLU D 19 6.92 0.72 -17.53
C GLU D 19 5.77 -0.22 -17.85
N VAL D 20 5.72 -0.70 -19.08
CA VAL D 20 4.59 -1.51 -19.55
C VAL D 20 4.64 -2.92 -18.97
N LEU D 21 3.51 -3.41 -18.45
CA LEU D 21 3.53 -4.68 -17.76
C LEU D 21 3.45 -5.84 -18.75
N TYR D 22 4.04 -6.98 -18.40
CA TYR D 22 3.92 -8.21 -19.19
C TYR D 22 2.76 -9.00 -18.67
N ALA D 23 2.21 -9.87 -19.51
CA ALA D 23 1.12 -10.75 -19.12
C ALA D 23 1.66 -12.00 -18.46
N GLY D 24 2.96 -12.25 -18.63
CA GLY D 24 3.57 -13.49 -18.11
C GLY D 24 3.14 -14.68 -18.94
N TYR D 25 2.72 -14.39 -20.17
CA TYR D 25 2.22 -15.37 -21.10
C TYR D 25 3.40 -15.99 -21.84
N ASP D 26 3.22 -17.23 -22.26
CA ASP D 26 4.35 -18.03 -22.71
C ASP D 26 3.83 -19.16 -23.59
N SER D 27 4.08 -19.04 -24.89
CA SER D 27 3.53 -20.00 -25.83
C SER D 27 4.27 -21.35 -25.86
N SER D 28 5.35 -21.47 -25.08
CA SER D 28 6.01 -22.77 -24.88
C SER D 28 5.19 -23.70 -23.98
N VAL D 29 4.24 -23.11 -23.24
CA VAL D 29 3.33 -23.87 -22.40
C VAL D 29 2.03 -24.12 -23.17
N PRO D 30 1.65 -25.39 -23.37
CA PRO D 30 0.37 -25.64 -24.04
C PRO D 30 -0.79 -25.07 -23.23
N ASP D 31 -1.85 -24.65 -23.90
CA ASP D 31 -3.07 -24.19 -23.21
C ASP D 31 -3.62 -25.28 -22.29
N SER D 32 -3.51 -26.52 -22.74
CA SER D 32 -3.86 -27.69 -21.95
C SER D 32 -3.27 -27.59 -20.55
N THR D 33 -1.95 -27.59 -20.47
CA THR D 33 -1.25 -27.62 -19.18
C THR D 33 -1.53 -26.37 -18.35
N TRP D 34 -1.49 -25.21 -19.00
CA TRP D 34 -1.66 -23.93 -18.31
C TRP D 34 -2.97 -23.95 -17.54
N ARG D 35 -4.06 -24.25 -18.24
CA ARG D 35 -5.36 -24.30 -17.61
C ARG D 35 -5.35 -25.26 -16.44
N ILE D 36 -5.04 -26.52 -16.72
CA ILE D 36 -5.09 -27.54 -15.69
C ILE D 36 -4.28 -27.12 -14.48
N MET D 37 -3.04 -26.69 -14.69
CA MET D 37 -2.18 -26.34 -13.56
C MET D 37 -2.55 -25.01 -12.90
N THR D 38 -3.04 -24.03 -13.68
CA THR D 38 -3.54 -22.79 -13.10
C THR D 38 -4.77 -23.08 -12.23
N THR D 39 -5.73 -23.83 -12.79
CA THR D 39 -6.94 -24.22 -12.07
C THR D 39 -6.60 -25.03 -10.83
N LEU D 40 -5.63 -25.94 -10.96
CA LEU D 40 -5.17 -26.72 -9.82
C LEU D 40 -4.63 -25.84 -8.72
N ASN D 41 -3.74 -24.93 -9.11
CA ASN D 41 -3.09 -24.05 -8.13
C ASN D 41 -4.07 -23.16 -7.34
N MET D 42 -5.03 -22.54 -8.03
CA MET D 42 -6.11 -21.81 -7.38
C MET D 42 -6.93 -22.68 -6.42
N LEU D 43 -7.30 -23.89 -6.86
CA LEU D 43 -8.11 -24.77 -6.04
C LEU D 43 -7.33 -25.14 -4.81
N GLY D 44 -6.09 -25.59 -5.02
CA GLY D 44 -5.19 -25.90 -3.93
C GLY D 44 -5.05 -24.75 -2.94
N GLY D 45 -4.94 -23.54 -3.46
CA GLY D 45 -4.94 -22.36 -2.61
C GLY D 45 -6.12 -22.33 -1.67
N ARG D 46 -7.31 -22.54 -2.21
CA ARG D 46 -8.52 -22.45 -1.41
C ARG D 46 -8.64 -23.60 -0.40
N GLN D 47 -8.16 -24.78 -0.82
CA GLN D 47 -8.13 -25.94 0.06
C GLN D 47 -7.24 -25.72 1.27
N VAL D 48 -6.03 -25.23 1.06
CA VAL D 48 -5.14 -24.94 2.19
C VAL D 48 -5.87 -24.09 3.22
N ILE D 49 -6.42 -22.97 2.76
CA ILE D 49 -7.16 -22.07 3.64
C ILE D 49 -8.26 -22.82 4.40
N ALA D 50 -9.08 -23.57 3.66
CA ALA D 50 -10.14 -24.38 4.27
C ALA D 50 -9.56 -25.39 5.26
N ALA D 51 -8.42 -25.98 4.92
CA ALA D 51 -7.74 -26.92 5.81
C ALA D 51 -7.31 -26.23 7.13
N VAL D 52 -6.90 -24.97 7.05
CA VAL D 52 -6.55 -24.21 8.26
C VAL D 52 -7.79 -23.96 9.13
N LYS D 53 -8.91 -23.63 8.51
CA LYS D 53 -10.14 -23.31 9.24
C LYS D 53 -10.70 -24.56 9.90
N TRP D 54 -10.54 -25.68 9.21
CA TRP D 54 -10.97 -26.96 9.74
C TRP D 54 -10.13 -27.23 10.96
N ALA D 55 -8.81 -27.25 10.76
CA ALA D 55 -7.88 -27.51 11.87
C ALA D 55 -8.33 -26.78 13.12
N LYS D 56 -8.62 -25.48 12.98
CA LYS D 56 -9.01 -24.65 14.12
C LYS D 56 -10.19 -25.21 14.91
N ALA D 57 -11.16 -25.80 14.20
CA ALA D 57 -12.36 -26.36 14.82
C ALA D 57 -12.14 -27.73 15.46
N ILE D 58 -11.08 -28.44 15.08
CA ILE D 58 -10.83 -29.79 15.59
C ILE D 58 -10.74 -29.82 17.12
N PRO D 59 -11.63 -30.56 17.78
CA PRO D 59 -11.54 -30.73 19.22
C PRO D 59 -10.15 -31.08 19.72
N GLY D 60 -9.67 -30.31 20.69
CA GLY D 60 -8.38 -30.56 21.34
C GLY D 60 -7.29 -29.68 20.77
N PHE D 61 -7.16 -29.74 19.45
CA PHE D 61 -6.22 -28.93 18.68
C PHE D 61 -6.36 -27.45 19.05
N ARG D 62 -7.55 -26.92 18.87
CA ARG D 62 -7.93 -25.58 19.34
C ARG D 62 -7.23 -25.14 20.64
N ASN D 63 -7.17 -26.03 21.62
CA ASN D 63 -6.62 -25.72 22.94
C ASN D 63 -5.10 -25.72 23.01
N LEU D 64 -4.45 -26.26 21.98
CA LEU D 64 -2.99 -26.20 21.89
C LEU D 64 -2.55 -24.76 21.76
N HIS D 65 -1.28 -24.50 22.08
CA HIS D 65 -0.74 -23.17 21.98
C HIS D 65 -0.90 -22.64 20.56
N LEU D 66 -1.17 -21.34 20.47
CA LEU D 66 -1.42 -20.67 19.21
C LEU D 66 -0.36 -21.08 18.17
N ASP D 67 0.92 -20.97 18.55
CA ASP D 67 2.05 -21.34 17.64
C ASP D 67 2.06 -22.81 17.25
N ASP D 68 1.88 -23.72 18.20
CA ASP D 68 1.84 -25.16 17.90
C ASP D 68 0.89 -25.47 16.75
N GLN D 69 -0.24 -24.77 16.74
CA GLN D 69 -1.27 -24.96 15.74
C GLN D 69 -0.73 -24.54 14.38
N MET D 70 -0.12 -23.36 14.32
CA MET D 70 0.54 -22.94 13.09
C MET D 70 1.59 -23.98 12.72
N THR D 71 2.39 -24.43 13.70
CA THR D 71 3.48 -25.37 13.45
C THR D 71 3.00 -26.72 12.94
N LEU D 72 2.03 -27.31 13.63
CA LEU D 72 1.44 -28.58 13.21
C LEU D 72 0.85 -28.49 11.81
N LEU D 73 0.23 -27.37 11.50
CA LEU D 73 -0.35 -27.14 10.17
C LEU D 73 0.72 -27.04 9.08
N GLN D 74 1.85 -26.42 9.39
CA GLN D 74 2.95 -26.31 8.42
C GLN D 74 3.39 -27.68 7.96
N TYR D 75 3.42 -28.62 8.90
CA TYR D 75 3.96 -29.93 8.64
C TYR D 75 2.94 -30.90 8.04
N SER D 76 1.68 -30.52 8.01
CA SER D 76 0.65 -31.50 7.68
C SER D 76 -0.23 -31.17 6.46
N TRP D 77 -0.30 -29.90 6.08
CA TRP D 77 -1.30 -29.47 5.10
C TRP D 77 -1.34 -30.35 3.84
N MET D 78 -0.17 -30.71 3.32
CA MET D 78 -0.11 -31.53 2.13
C MET D 78 -0.65 -32.93 2.43
N SER D 79 -0.21 -33.51 3.53
CA SER D 79 -0.73 -34.80 4.01
C SER D 79 -2.25 -34.83 4.07
N LEU D 80 -2.84 -33.74 4.56
CA LEU D 80 -4.30 -33.59 4.70
C LEU D 80 -4.96 -33.49 3.34
N MET D 81 -4.32 -32.71 2.48
CA MET D 81 -4.90 -32.35 1.20
C MET D 81 -4.86 -33.52 0.24
N ALA D 82 -3.78 -34.31 0.31
CA ALA D 82 -3.62 -35.48 -0.55
C ALA D 82 -4.59 -36.57 -0.08
N PHE D 83 -4.58 -36.82 1.23
CA PHE D 83 -5.47 -37.80 1.83
C PHE D 83 -6.91 -37.51 1.49
N ALA D 84 -7.33 -36.27 1.64
CA ALA D 84 -8.70 -35.90 1.30
C ALA D 84 -8.97 -36.22 -0.16
N LEU D 85 -8.08 -35.74 -1.04
CA LEU D 85 -8.15 -35.99 -2.49
C LEU D 85 -8.18 -37.49 -2.81
N GLY D 86 -7.43 -38.28 -2.07
CA GLY D 86 -7.51 -39.73 -2.26
C GLY D 86 -8.92 -40.23 -1.97
N TRP D 87 -9.48 -39.73 -0.88
CA TRP D 87 -10.80 -40.15 -0.42
C TRP D 87 -11.92 -39.69 -1.34
N ARG D 88 -11.90 -38.42 -1.72
CA ARG D 88 -12.88 -37.93 -2.70
C ARG D 88 -12.80 -38.77 -3.98
N SER D 89 -11.58 -39.09 -4.40
CA SER D 89 -11.37 -39.92 -5.58
C SER D 89 -11.94 -41.32 -5.40
N TYR D 90 -11.59 -41.92 -4.27
CA TYR D 90 -12.20 -43.19 -3.88
C TYR D 90 -13.75 -43.13 -3.96
N ARG D 91 -14.37 -42.08 -3.43
CA ARG D 91 -15.85 -42.01 -3.39
C ARG D 91 -16.52 -41.54 -4.68
N GLN D 92 -15.77 -40.90 -5.58
CA GLN D 92 -16.34 -40.40 -6.84
C GLN D 92 -16.07 -41.32 -8.02
N SER D 93 -14.95 -42.02 -8.04
CA SER D 93 -14.54 -42.75 -9.24
C SER D 93 -14.09 -44.20 -9.05
N SER D 94 -14.30 -44.74 -7.85
CA SER D 94 -13.77 -46.06 -7.45
C SER D 94 -12.23 -46.04 -7.43
N ALA D 95 -11.67 -44.87 -7.06
CA ALA D 95 -10.25 -44.73 -6.72
C ALA D 95 -9.24 -44.89 -7.87
N ASN D 96 -9.67 -44.54 -9.09
CA ASN D 96 -8.84 -44.71 -10.29
C ASN D 96 -8.73 -43.44 -11.16
N LEU D 97 -9.75 -42.58 -11.12
CA LEU D 97 -9.59 -41.20 -11.57
C LEU D 97 -9.13 -40.42 -10.37
N LEU D 98 -8.38 -39.34 -10.59
CA LEU D 98 -8.10 -38.37 -9.54
C LEU D 98 -9.11 -37.23 -9.62
N CYS D 99 -9.83 -37.02 -8.52
CA CYS D 99 -10.95 -36.09 -8.51
C CYS D 99 -10.67 -34.89 -7.64
N PHE D 100 -9.86 -33.98 -8.15
CA PHE D 100 -9.37 -32.87 -7.35
C PHE D 100 -10.55 -32.12 -6.78
N ALA D 101 -11.50 -31.84 -7.65
CA ALA D 101 -12.79 -31.32 -7.27
C ALA D 101 -13.85 -32.09 -8.04
N PRO D 102 -15.13 -31.91 -7.70
CA PRO D 102 -16.21 -32.47 -8.49
C PRO D 102 -16.21 -32.06 -9.97
N ASP D 103 -15.94 -30.79 -10.26
CA ASP D 103 -15.90 -30.35 -11.65
C ASP D 103 -14.56 -30.56 -12.35
N LEU D 104 -13.59 -31.17 -11.68
CA LEU D 104 -12.23 -31.25 -12.20
C LEU D 104 -11.66 -32.66 -12.01
N ILE D 105 -12.02 -33.56 -12.92
CA ILE D 105 -11.58 -34.96 -12.84
C ILE D 105 -10.55 -35.24 -13.91
N ILE D 106 -9.32 -35.53 -13.52
CA ILE D 106 -8.27 -35.87 -14.46
C ILE D 106 -8.21 -37.37 -14.56
N ASN D 107 -8.55 -37.90 -15.74
CA ASN D 107 -8.63 -39.34 -15.97
C ASN D 107 -7.28 -40.05 -16.22
N GLU D 108 -7.35 -41.35 -16.49
CA GLU D 108 -6.17 -42.21 -16.59
C GLU D 108 -5.26 -41.82 -17.74
N GLN D 109 -5.86 -41.49 -18.88
CA GLN D 109 -5.12 -41.07 -20.06
C GLN D 109 -4.33 -39.77 -19.84
N ARG D 110 -4.95 -38.75 -19.25
CA ARG D 110 -4.25 -37.50 -18.96
C ARG D 110 -3.15 -37.76 -17.95
N MET D 111 -3.50 -38.43 -16.86
CA MET D 111 -2.55 -38.76 -15.79
C MET D 111 -1.25 -39.39 -16.29
N THR D 112 -1.33 -40.20 -17.35
CA THR D 112 -0.16 -40.93 -17.84
C THR D 112 0.87 -40.04 -18.54
N LEU D 113 0.47 -38.86 -18.99
CA LEU D 113 1.40 -37.95 -19.68
C LEU D 113 2.55 -37.53 -18.76
N PRO D 114 3.71 -37.22 -19.34
CA PRO D 114 4.89 -36.85 -18.54
C PRO D 114 4.69 -35.68 -17.58
N ASP D 115 3.94 -34.66 -17.99
CA ASP D 115 3.73 -33.48 -17.13
C ASP D 115 3.08 -33.83 -15.80
N MET D 116 2.21 -34.85 -15.78
CA MET D 116 1.44 -35.19 -14.59
C MET D 116 1.75 -36.56 -13.95
N TYR D 117 2.54 -37.38 -14.62
CA TYR D 117 2.68 -38.79 -14.24
C TYR D 117 3.29 -39.05 -12.87
N ASP D 118 4.47 -38.49 -12.61
CA ASP D 118 5.18 -38.69 -11.33
C ASP D 118 4.29 -38.40 -10.12
N GLN D 119 3.66 -37.23 -10.08
CA GLN D 119 2.88 -36.82 -8.92
C GLN D 119 1.64 -37.70 -8.75
N CYS D 120 0.92 -37.92 -9.83
CA CYS D 120 -0.35 -38.62 -9.80
C CYS D 120 -0.23 -40.06 -9.36
N LYS D 121 0.91 -40.69 -9.66
CA LYS D 121 1.19 -42.02 -9.12
C LYS D 121 0.96 -42.00 -7.60
N HIS D 122 1.59 -41.05 -6.94
CA HIS D 122 1.53 -40.93 -5.48
C HIS D 122 0.15 -40.52 -4.98
N MET D 123 -0.53 -39.65 -5.70
CA MET D 123 -1.89 -39.30 -5.35
C MET D 123 -2.83 -40.48 -5.52
N LEU D 124 -2.80 -41.16 -6.66
CA LEU D 124 -3.62 -42.36 -6.87
C LEU D 124 -3.38 -43.46 -5.86
N TYR D 125 -2.14 -43.58 -5.36
CA TYR D 125 -1.81 -44.58 -4.35
C TYR D 125 -2.72 -44.42 -3.14
N VAL D 126 -2.76 -43.19 -2.61
CA VAL D 126 -3.63 -42.85 -1.48
C VAL D 126 -5.03 -43.33 -1.78
N SER D 127 -5.50 -43.01 -2.98
CA SER D 127 -6.85 -43.33 -3.38
C SER D 127 -7.02 -44.84 -3.45
N SER D 128 -6.22 -45.47 -4.30
CA SER D 128 -6.37 -46.90 -4.56
C SER D 128 -6.39 -47.68 -3.26
N GLU D 129 -5.63 -47.21 -2.28
CA GLU D 129 -5.40 -47.95 -1.05
C GLU D 129 -6.58 -47.84 -0.04
N LEU D 130 -7.23 -46.67 0.01
CA LEU D 130 -8.47 -46.51 0.77
C LEU D 130 -9.53 -47.44 0.20
N HIS D 131 -9.65 -47.40 -1.12
CA HIS D 131 -10.50 -48.30 -1.86
C HIS D 131 -10.26 -49.76 -1.45
N ARG D 132 -9.00 -50.19 -1.56
CA ARG D 132 -8.61 -51.54 -1.25
C ARG D 132 -8.96 -51.91 0.18
N LEU D 133 -8.73 -50.97 1.10
CA LEU D 133 -9.04 -51.20 2.50
C LEU D 133 -10.50 -50.93 2.80
N GLN D 134 -11.26 -50.54 1.77
CA GLN D 134 -12.66 -50.20 1.92
C GLN D 134 -12.92 -49.32 3.15
N VAL D 135 -12.13 -48.26 3.31
CA VAL D 135 -12.27 -47.41 4.49
C VAL D 135 -13.64 -46.73 4.47
N SER D 136 -14.13 -46.41 5.66
CA SER D 136 -15.41 -45.77 5.84
C SER D 136 -15.21 -44.33 6.25
N TYR D 137 -16.29 -43.57 6.20
CA TYR D 137 -16.28 -42.16 6.55
C TYR D 137 -15.85 -41.92 8.01
N GLU D 138 -16.44 -42.64 8.96
CA GLU D 138 -16.03 -42.47 10.36
C GLU D 138 -14.53 -42.76 10.51
N GLU D 139 -14.09 -43.87 9.92
CA GLU D 139 -12.66 -44.23 9.89
C GLU D 139 -11.81 -43.19 9.14
N TYR D 140 -12.24 -42.80 7.95
CA TYR D 140 -11.55 -41.74 7.19
C TYR D 140 -11.36 -40.46 8.01
N LEU D 141 -12.44 -39.97 8.64
CA LEU D 141 -12.43 -38.72 9.38
C LEU D 141 -11.51 -38.79 10.60
N CYS D 142 -11.36 -39.97 11.19
CA CYS D 142 -10.41 -40.14 12.29
C CYS D 142 -9.00 -40.07 11.76
N MET D 143 -8.75 -40.82 10.71
CA MET D 143 -7.42 -40.92 10.10
C MET D 143 -6.90 -39.54 9.71
N LYS D 144 -7.76 -38.72 9.14
CA LYS D 144 -7.38 -37.39 8.67
C LYS D 144 -7.01 -36.47 9.82
N THR D 145 -7.65 -36.65 10.97
CA THR D 145 -7.32 -35.83 12.14
C THR D 145 -6.01 -36.29 12.74
N LEU D 146 -5.71 -37.57 12.57
CA LEU D 146 -4.42 -38.12 12.97
C LEU D 146 -3.34 -37.61 12.05
N LEU D 147 -3.65 -37.40 10.78
CA LEU D 147 -2.66 -36.83 9.86
C LEU D 147 -2.23 -35.46 10.36
N LEU D 148 -3.19 -34.69 10.86
CA LEU D 148 -2.90 -33.36 11.37
C LEU D 148 -1.94 -33.39 12.55
N LEU D 149 -1.80 -34.57 13.16
CA LEU D 149 -0.91 -34.74 14.28
C LEU D 149 0.15 -35.77 13.91
N SER D 150 0.50 -35.83 12.63
CA SER D 150 1.47 -36.81 12.15
C SER D 150 2.91 -36.36 12.38
N SER D 151 3.16 -35.05 12.46
CA SER D 151 4.54 -34.53 12.60
C SER D 151 4.68 -33.44 13.66
N VAL D 152 5.74 -33.52 14.44
CA VAL D 152 6.00 -32.59 15.53
C VAL D 152 7.41 -32.02 15.43
N PRO D 153 7.68 -30.91 16.12
CA PRO D 153 9.05 -30.43 16.17
C PRO D 153 9.91 -31.40 17.00
N LYS D 154 11.00 -31.91 16.43
CA LYS D 154 11.92 -32.74 17.20
C LYS D 154 12.20 -31.97 18.49
N ASP D 155 12.33 -30.65 18.34
CA ASP D 155 12.51 -29.72 19.45
C ASP D 155 11.17 -29.37 20.16
N GLY D 156 10.26 -30.35 20.21
CA GLY D 156 9.01 -30.27 21.01
C GLY D 156 8.00 -29.17 20.67
N LEU D 157 6.72 -29.52 20.78
CA LEU D 157 5.66 -28.51 20.84
C LEU D 157 5.63 -27.91 22.23
N LYS D 158 5.04 -26.73 22.35
CA LYS D 158 4.97 -26.02 23.63
C LYS D 158 4.07 -26.75 24.64
N SER D 159 2.89 -27.19 24.19
CA SER D 159 1.99 -27.99 25.04
C SER D 159 1.97 -29.43 24.56
N GLN D 160 3.00 -30.18 24.96
CA GLN D 160 3.25 -31.53 24.43
C GLN D 160 2.42 -32.63 25.07
N ALA D 161 2.27 -32.58 26.39
CA ALA D 161 1.48 -33.58 27.12
C ALA D 161 0.01 -33.44 26.76
N LEU D 162 -0.40 -32.22 26.43
CA LEU D 162 -1.76 -31.98 25.96
C LEU D 162 -1.92 -32.63 24.60
N PHE D 163 -0.98 -32.31 23.71
CA PHE D 163 -0.92 -32.89 22.38
C PHE D 163 -0.94 -34.42 22.40
N ASP D 164 -0.18 -35.03 23.30
CA ASP D 164 -0.13 -36.48 23.37
C ASP D 164 -1.51 -37.03 23.76
N ALA D 165 -2.09 -36.45 24.80
CA ALA D 165 -3.45 -36.80 25.21
C ALA D 165 -4.43 -36.65 24.04
N ILE D 166 -4.32 -35.56 23.29
CA ILE D 166 -5.22 -35.29 22.17
C ILE D 166 -5.07 -36.38 21.11
N ARG D 167 -3.83 -36.65 20.72
CA ARG D 167 -3.57 -37.64 19.69
C ARG D 167 -4.08 -39.02 20.12
N MET D 168 -3.70 -39.38 21.34
CA MET D 168 -4.15 -40.61 22.00
C MET D 168 -5.68 -40.78 22.00
N THR D 169 -6.40 -39.66 22.03
CA THR D 169 -7.86 -39.66 22.03
C THR D 169 -8.43 -40.02 20.66
N TYR D 170 -7.80 -39.47 19.62
CA TYR D 170 -8.19 -39.73 18.25
C TYR D 170 -7.72 -41.13 17.77
N ILE D 171 -6.56 -41.58 18.24
CA ILE D 171 -6.15 -42.96 17.99
C ILE D 171 -7.23 -43.92 18.48
N LYS D 172 -7.73 -43.66 19.69
CA LYS D 172 -8.83 -44.41 20.27
C LYS D 172 -10.07 -44.30 19.40
N GLU D 173 -10.42 -43.08 18.99
CA GLU D 173 -11.63 -42.91 18.18
C GLU D 173 -11.55 -43.70 16.87
N LEU D 174 -10.38 -43.77 16.25
CA LEU D 174 -10.16 -44.68 15.12
C LEU D 174 -10.36 -46.14 15.51
N GLY D 175 -9.95 -46.49 16.73
CA GLY D 175 -10.23 -47.81 17.28
C GLY D 175 -11.71 -48.09 17.37
N LYS D 176 -12.47 -47.08 17.79
CA LYS D 176 -13.93 -47.18 17.87
C LYS D 176 -14.52 -47.23 16.47
N ALA D 177 -13.93 -46.49 15.55
CA ALA D 177 -14.42 -46.44 14.18
C ALA D 177 -14.29 -47.80 13.49
N ILE D 178 -13.14 -48.43 13.66
CA ILE D 178 -12.92 -49.79 13.17
C ILE D 178 -13.98 -50.74 13.72
N VAL D 179 -14.18 -50.70 15.03
CA VAL D 179 -15.12 -51.58 15.70
C VAL D 179 -16.57 -51.40 15.22
N LYS D 180 -16.94 -50.18 14.83
CA LYS D 180 -18.31 -49.86 14.41
C LYS D 180 -18.73 -50.66 13.15
N ARG D 181 -17.75 -51.12 12.37
CA ARG D 181 -18.01 -52.04 11.27
C ARG D 181 -18.20 -53.47 11.75
N GLU D 182 -17.71 -53.77 12.94
CA GLU D 182 -17.84 -55.09 13.57
C GLU D 182 -16.86 -56.08 12.93
N GLY D 183 -16.80 -57.30 13.48
CA GLY D 183 -15.87 -58.33 13.01
C GLY D 183 -15.00 -58.86 14.13
N ASN D 184 -14.26 -59.93 13.85
CA ASN D 184 -13.40 -60.58 14.86
C ASN D 184 -12.38 -59.65 15.51
N SER D 185 -11.92 -60.03 16.70
CA SER D 185 -10.88 -59.27 17.41
C SER D 185 -9.50 -59.39 16.74
N SER D 186 -9.36 -60.36 15.83
CA SER D 186 -8.16 -60.49 15.00
C SER D 186 -8.25 -59.52 13.83
N GLN D 187 -9.42 -59.53 13.18
CA GLN D 187 -9.70 -58.67 12.03
C GLN D 187 -9.54 -57.18 12.34
N ASN D 188 -9.92 -56.79 13.55
CA ASN D 188 -9.78 -55.40 13.99
C ASN D 188 -8.33 -55.01 14.30
N SER D 189 -7.55 -55.96 14.79
CA SER D 189 -6.11 -55.77 14.91
C SER D 189 -5.44 -55.74 13.55
N GLN D 190 -5.91 -56.56 12.61
CA GLN D 190 -5.42 -56.49 11.23
C GLN D 190 -5.76 -55.14 10.63
N ARG D 191 -6.99 -54.71 10.83
CA ARG D 191 -7.47 -53.44 10.30
C ARG D 191 -6.79 -52.22 10.91
N PHE D 192 -6.56 -52.24 12.22
CA PHE D 192 -5.85 -51.15 12.87
C PHE D 192 -4.49 -51.01 12.24
N TYR D 193 -3.75 -52.12 12.20
CA TYR D 193 -2.43 -52.21 11.56
C TYR D 193 -2.47 -51.60 10.16
N GLN D 194 -3.42 -52.08 9.36
CA GLN D 194 -3.59 -51.66 7.97
C GLN D 194 -3.79 -50.16 7.77
N LEU D 195 -4.73 -49.59 8.51
CA LEU D 195 -5.04 -48.17 8.36
C LEU D 195 -3.90 -47.33 8.95
N THR D 196 -3.37 -47.79 10.08
CA THR D 196 -2.24 -47.11 10.69
C THR D 196 -1.01 -47.22 9.78
N LYS D 197 -0.85 -48.33 9.06
CA LYS D 197 0.20 -48.43 8.06
C LYS D 197 -0.06 -47.39 6.97
N LEU D 198 -1.31 -47.29 6.53
CA LEU D 198 -1.70 -46.29 5.53
C LEU D 198 -1.28 -44.89 5.98
N LEU D 199 -1.80 -44.48 7.12
CA LEU D 199 -1.44 -43.20 7.73
C LEU D 199 0.05 -42.94 7.68
N ASP D 200 0.85 -43.96 8.04
CA ASP D 200 2.31 -43.85 8.04
C ASP D 200 2.85 -43.66 6.65
N SER D 201 2.24 -44.32 5.67
CA SER D 201 2.70 -44.21 4.30
C SER D 201 2.40 -42.84 3.69
N MET D 202 1.66 -41.99 4.41
CA MET D 202 1.44 -40.61 3.93
C MET D 202 2.68 -39.74 4.08
N HIS D 203 3.58 -40.05 5.00
CA HIS D 203 4.81 -39.30 5.11
C HIS D 203 5.62 -39.38 3.78
N GLU D 204 5.67 -40.57 3.18
CA GLU D 204 6.40 -40.76 1.92
C GLU D 204 5.64 -40.22 0.71
N VAL D 205 4.32 -40.32 0.70
CA VAL D 205 3.57 -39.68 -0.38
C VAL D 205 3.72 -38.16 -0.22
N VAL D 206 3.75 -37.68 1.02
CA VAL D 206 3.97 -36.26 1.28
C VAL D 206 5.37 -35.84 0.80
N GLU D 207 6.40 -36.49 1.32
CA GLU D 207 7.79 -36.17 0.92
C GLU D 207 7.94 -36.18 -0.60
N ASN D 208 7.27 -37.11 -1.27
CA ASN D 208 7.32 -37.17 -2.72
C ASN D 208 6.55 -36.06 -3.39
N LEU D 209 5.32 -35.83 -2.96
CA LEU D 209 4.51 -34.75 -3.52
C LEU D 209 5.14 -33.37 -3.23
N LEU D 210 5.78 -33.24 -2.07
CA LEU D 210 6.54 -32.04 -1.72
C LEU D 210 7.88 -31.94 -2.46
N ASN D 211 8.53 -33.07 -2.75
CA ASN D 211 9.75 -33.09 -3.57
C ASN D 211 9.49 -32.51 -4.94
N TYR D 212 8.50 -33.07 -5.65
CA TYR D 212 8.06 -32.50 -6.91
C TYR D 212 7.82 -30.99 -6.80
N CYS D 213 7.27 -30.54 -5.68
CA CYS D 213 7.02 -29.11 -5.44
C CYS D 213 8.27 -28.26 -5.13
N PHE D 214 9.33 -28.87 -4.58
CA PHE D 214 10.63 -28.19 -4.44
C PHE D 214 11.32 -28.12 -5.82
N GLN D 215 10.81 -28.93 -6.76
CA GLN D 215 11.08 -28.76 -8.19
C GLN D 215 9.93 -27.99 -8.87
N THR D 216 9.31 -27.07 -8.13
CA THR D 216 8.66 -25.87 -8.71
C THR D 216 9.74 -24.77 -8.72
N PHE D 217 10.81 -24.98 -7.94
CA PHE D 217 11.74 -23.92 -7.51
C PHE D 217 13.19 -24.05 -7.97
N LEU D 218 13.53 -25.16 -8.64
CA LEU D 218 14.87 -25.32 -9.25
C LEU D 218 14.86 -26.49 -10.24
N GLU D 228 3.45 -15.16 -6.30
CA GLU D 228 3.98 -16.24 -5.49
C GLU D 228 2.95 -16.69 -4.46
N MET D 229 2.27 -17.81 -4.74
CA MET D 229 1.24 -18.35 -3.85
C MET D 229 1.76 -19.57 -3.10
N LEU D 230 1.95 -20.68 -3.83
CA LEU D 230 2.62 -21.86 -3.29
C LEU D 230 4.11 -21.57 -3.04
N ALA D 231 4.62 -20.54 -3.72
CA ALA D 231 5.99 -20.08 -3.53
C ALA D 231 6.29 -19.63 -2.09
N GLU D 232 5.34 -18.94 -1.48
CA GLU D 232 5.47 -18.46 -0.09
C GLU D 232 5.68 -19.62 0.88
N ILE D 233 4.83 -20.65 0.79
CA ILE D 233 4.94 -21.84 1.66
C ILE D 233 6.19 -22.70 1.33
N ILE D 234 6.61 -22.70 0.05
CA ILE D 234 7.70 -23.55 -0.45
C ILE D 234 9.10 -23.09 -0.01
N THR D 235 9.34 -21.78 0.04
CA THR D 235 10.57 -21.26 0.64
C THR D 235 10.56 -21.47 2.16
N ASN D 236 9.39 -21.34 2.78
CA ASN D 236 9.23 -21.53 4.23
C ASN D 236 9.22 -23.00 4.68
N GLN D 237 9.38 -23.92 3.74
CA GLN D 237 9.57 -25.35 4.03
C GLN D 237 11.06 -25.72 3.89
N ILE D 238 11.61 -25.47 2.70
CA ILE D 238 13.01 -25.78 2.39
C ILE D 238 13.94 -24.65 2.84
N ASN D 243 13.03 -31.55 6.17
CA ASN D 243 12.58 -32.60 7.07
C ASN D 243 13.53 -32.84 8.25
N GLY D 244 14.32 -31.82 8.60
CA GLY D 244 15.29 -31.94 9.68
C GLY D 244 14.65 -31.91 11.05
N ASN D 245 14.27 -30.72 11.49
CA ASN D 245 13.62 -30.52 12.79
C ASN D 245 12.24 -31.21 12.92
N ILE D 246 11.49 -31.32 11.83
CA ILE D 246 10.17 -31.98 11.89
C ILE D 246 10.35 -33.49 12.04
N LYS D 247 10.04 -34.02 13.23
CA LYS D 247 9.97 -35.47 13.45
C LYS D 247 8.66 -35.98 12.88
N LYS D 248 8.65 -37.24 12.43
CA LYS D 248 7.48 -37.81 11.74
C LYS D 248 6.93 -38.98 12.56
N LEU D 249 5.83 -38.76 13.28
CA LEU D 249 5.25 -39.79 14.16
C LEU D 249 4.81 -41.03 13.37
N LEU D 250 5.45 -42.17 13.65
CA LEU D 250 5.16 -43.42 12.97
C LEU D 250 4.36 -44.32 13.89
N PHE D 251 3.36 -44.99 13.33
CA PHE D 251 2.67 -46.06 14.04
C PHE D 251 3.51 -47.32 14.09
N HIS D 252 4.09 -47.70 12.96
CA HIS D 252 4.91 -48.91 12.87
C HIS D 252 6.33 -48.61 12.47
N GLN D 253 7.23 -49.53 12.83
CA GLN D 253 8.65 -49.41 12.51
C GLN D 253 9.18 -50.75 11.99
N ASN E 3 -10.35 -12.83 -3.27
CA ASN E 3 -9.85 -12.36 -1.93
C ASN E 3 -9.73 -10.83 -1.81
N LEU E 4 -9.90 -10.10 -2.91
CA LEU E 4 -9.84 -8.63 -2.87
C LEU E 4 -10.70 -8.01 -3.98
N GLY E 5 -11.75 -7.30 -3.58
CA GLY E 5 -12.61 -6.58 -4.52
C GLY E 5 -11.84 -5.53 -5.28
N LEU E 6 -12.40 -5.05 -6.37
CA LEU E 6 -11.73 -4.01 -7.16
C LEU E 6 -11.42 -2.83 -6.25
N GLU E 7 -12.45 -2.25 -5.64
CA GLU E 7 -12.29 -1.07 -4.78
C GLU E 7 -11.33 -1.36 -3.63
N ASP E 8 -11.20 -2.65 -3.28
CA ASP E 8 -10.20 -3.07 -2.30
C ASP E 8 -8.77 -2.93 -2.86
N ILE E 9 -8.57 -3.33 -4.11
CA ILE E 9 -7.27 -3.17 -4.78
C ILE E 9 -6.88 -1.69 -4.88
N ILE E 10 -7.82 -0.87 -5.34
CA ILE E 10 -7.61 0.57 -5.44
C ILE E 10 -7.23 1.14 -4.07
N ARG E 11 -7.98 0.76 -3.04
CA ARG E 11 -7.72 1.22 -1.68
C ARG E 11 -6.34 0.80 -1.21
N LYS E 12 -6.08 -0.50 -1.28
CA LYS E 12 -4.77 -1.06 -0.95
C LYS E 12 -3.63 -0.34 -1.68
N ALA E 13 -3.81 -0.07 -2.97
CA ALA E 13 -2.76 0.57 -3.77
C ALA E 13 -2.57 1.99 -3.30
N LEU E 14 -3.66 2.71 -3.07
CA LEU E 14 -3.57 4.08 -2.59
C LEU E 14 -2.77 4.20 -1.29
N MET E 15 -2.69 3.12 -0.51
CA MET E 15 -1.95 3.10 0.76
C MET E 15 -0.75 2.12 0.84
N GLY E 16 -1.00 0.81 0.78
CA GLY E 16 0.03 -0.20 1.04
C GLY E 16 -0.50 -1.63 0.92
N SER E 17 -0.07 -2.33 -0.13
CA SER E 17 -0.59 -3.67 -0.47
C SER E 17 -0.18 -4.71 0.56
N ASP F 8 -7.12 12.04 10.38
CA ASP F 8 -6.30 13.30 10.37
C ASP F 8 -5.75 13.60 11.77
N ILE F 9 -4.83 14.56 11.86
CA ILE F 9 -4.05 14.85 13.09
C ILE F 9 -4.92 15.05 14.34
N ILE F 10 -6.14 15.57 14.17
CA ILE F 10 -7.06 15.78 15.30
C ILE F 10 -7.82 14.50 15.70
N ARG F 11 -8.33 13.76 14.70
CA ARG F 11 -8.93 12.44 14.96
C ARG F 11 -7.85 11.50 15.48
N LYS F 12 -6.67 11.57 14.86
CA LYS F 12 -5.47 10.85 15.31
C LYS F 12 -5.25 11.15 16.81
N ALA F 13 -5.16 12.44 17.14
CA ALA F 13 -4.86 12.88 18.51
C ALA F 13 -5.98 12.61 19.50
N LEU F 14 -7.23 12.76 19.08
CA LEU F 14 -8.35 12.65 20.00
C LEU F 14 -8.50 11.22 20.49
N MET F 15 -8.62 10.28 19.55
CA MET F 15 -8.77 8.86 19.89
C MET F 15 -7.42 8.11 19.84
N GLY F 16 -6.50 8.45 20.73
CA GLY F 16 -5.25 7.66 20.90
C GLY F 16 -4.26 7.74 19.75
N SER F 17 -4.64 7.18 18.61
CA SER F 17 -3.89 7.33 17.35
C SER F 17 -4.75 6.88 16.15
#